data_8GZC
#
_entry.id   8GZC
#
_cell.length_a   43.500
_cell.length_b   89.350
_cell.length_c   91.600
_cell.angle_alpha   116.600
_cell.angle_beta   95.180
_cell.angle_gamma   91.780
#
_symmetry.space_group_name_H-M   'P 1'
#
loop_
_entity.id
_entity.type
_entity.pdbx_description
1 polymer 'Histone acetyltransferase p300'
2 non-polymer 'ZINC ION'
3 non-polymer (2~{R},4~{R})-4-fluoranyl-1-[1-(4-methoxyphenyl)cyclohexyl]carbonyl-~{N}-(1~{H}-pyrazolo[4,3-b]pyridin-5-yl)pyrrolidine-2-carboxamide
4 water water
#
_entity_poly.entity_id   1
_entity_poly.type   'polypeptide(L)'
_entity_poly.pdbx_seq_one_letter_code
;GPSLGYCCGRKLEFSPQTLCCYGKQLCTIPRDATYYSYQNRYHFCEKCFNEIQGESVSLGDDPSQPQTTINKEQFSKRKN
DTLDPELFVECTECGRKMHQICVLHHEIIWPAGFVCDGCLKKSARTRKENKFSAKRLPSTRLGTFLENRVNDFLRRQNHP
ESGEVTVRVVHASDKTVEVKPGMKARFVDSGEMAESFPYRTKALFAFEEIDGVDLCFFGMHVQEYGSDCPPPNQRRVYIS
YLDSVHFFRPKCLRTAVYHEILIGYLEYVKKLGYTTGHIWACPPSEGDDYIFHCHPPDQKIPKPKRLQEWFKKMLDKAVS
ERIVHDYKDIFKQATEDRLTSAKELPYFEGDFWPNVLEESIKESGGSGSQKLYATMEKHKEVFFVIRLIAGPAANSLPPI
VDPDPLIPCDLMDGRDAFLTLARDKHLEFSSLRRAQWSTMCMLVELHTQSQDRF
;
_entity_poly.pdbx_strand_id   A,B
#
# COMPACT_ATOMS: atom_id res chain seq x y z
N TYR A 6 -35.75 -21.50 -24.93
CA TYR A 6 -34.85 -21.05 -23.88
C TYR A 6 -33.43 -20.89 -24.43
N CYS A 7 -32.50 -20.43 -23.57
CA CYS A 7 -31.10 -20.26 -23.98
C CYS A 7 -30.32 -21.56 -23.87
N CYS A 8 -30.07 -21.97 -22.63
CA CYS A 8 -29.41 -23.22 -22.33
C CYS A 8 -30.26 -24.39 -22.74
N GLY A 9 -31.52 -24.16 -23.08
CA GLY A 9 -32.47 -25.22 -23.27
C GLY A 9 -32.69 -25.99 -21.99
N ARG A 10 -32.66 -25.30 -20.85
CA ARG A 10 -32.72 -25.95 -19.55
C ARG A 10 -33.95 -25.46 -18.79
N LYS A 11 -34.67 -26.40 -18.19
CA LYS A 11 -35.80 -26.10 -17.32
C LYS A 11 -35.25 -25.81 -15.93
N LEU A 12 -35.15 -24.53 -15.59
CA LEU A 12 -34.48 -24.09 -14.38
C LEU A 12 -35.47 -23.53 -13.38
N GLU A 13 -35.32 -23.92 -12.12
CA GLU A 13 -36.10 -23.40 -11.03
C GLU A 13 -35.21 -23.26 -9.81
N PHE A 14 -35.56 -22.32 -8.93
CA PHE A 14 -34.79 -22.14 -7.71
C PHE A 14 -35.07 -23.29 -6.74
N SER A 15 -34.12 -23.56 -5.91
CA SER A 15 -34.35 -24.62 -4.95
C SER A 15 -34.97 -24.07 -3.67
N PRO A 16 -35.80 -24.85 -2.98
CA PRO A 16 -36.30 -24.41 -1.69
C PRO A 16 -35.17 -24.14 -0.72
N GLN A 17 -35.27 -23.02 -0.01
CA GLN A 17 -34.25 -22.59 0.94
C GLN A 17 -34.65 -23.01 2.35
N THR A 18 -33.64 -23.07 3.22
CA THR A 18 -33.89 -23.41 4.62
C THR A 18 -34.43 -22.22 5.38
N LEU A 19 -35.42 -22.46 6.23
CA LEU A 19 -36.05 -21.44 7.06
C LEU A 19 -35.72 -21.70 8.53
N CYS A 20 -36.22 -20.83 9.40
CA CYS A 20 -36.06 -21.00 10.84
C CYS A 20 -37.39 -21.45 11.45
N CYS A 21 -37.30 -22.06 12.63
CA CYS A 21 -38.48 -22.68 13.24
C CYS A 21 -39.07 -21.88 14.39
N TYR A 22 -38.41 -20.81 14.85
CA TYR A 22 -38.99 -19.80 15.72
C TYR A 22 -39.32 -20.32 17.12
N GLY A 23 -39.32 -21.63 17.28
CA GLY A 23 -39.77 -22.24 18.52
C GLY A 23 -38.61 -22.91 19.22
N LYS A 24 -37.42 -22.52 18.82
CA LYS A 24 -36.16 -22.98 19.39
C LYS A 24 -35.07 -22.09 18.85
N GLN A 25 -34.15 -21.66 19.72
CA GLN A 25 -33.05 -20.82 19.28
C GLN A 25 -32.20 -21.58 18.27
N LEU A 26 -31.98 -20.94 17.11
CA LEU A 26 -31.08 -21.46 16.07
C LEU A 26 -31.52 -22.83 15.54
N CYS A 27 -32.83 -23.03 15.41
CA CYS A 27 -33.37 -24.19 14.74
C CYS A 27 -33.74 -23.83 13.31
N THR A 28 -33.71 -24.82 12.42
CA THR A 28 -33.98 -24.57 11.00
C THR A 28 -34.88 -25.66 10.43
N ILE A 29 -35.54 -25.30 9.33
CA ILE A 29 -36.36 -26.21 8.53
C ILE A 29 -35.69 -26.35 7.16
N PRO A 30 -35.18 -27.53 6.81
CA PRO A 30 -34.44 -27.67 5.55
C PRO A 30 -35.32 -28.01 4.36
N ARG A 31 -34.68 -28.21 3.22
CA ARG A 31 -35.36 -28.60 1.99
C ARG A 31 -36.14 -29.90 2.20
N ASP A 32 -37.36 -29.94 1.66
CA ASP A 32 -38.20 -31.14 1.64
C ASP A 32 -38.60 -31.60 3.04
N ALA A 33 -38.72 -30.68 3.98
CA ALA A 33 -39.15 -30.97 5.33
C ALA A 33 -40.56 -30.43 5.57
N THR A 34 -41.27 -31.07 6.50
CA THR A 34 -42.62 -30.67 6.86
C THR A 34 -42.58 -29.56 7.91
N TYR A 35 -43.45 -28.56 7.74
CA TYR A 35 -43.44 -27.44 8.67
C TYR A 35 -44.81 -26.78 8.75
N TYR A 36 -44.99 -26.01 9.82
CA TYR A 36 -46.22 -25.27 10.10
C TYR A 36 -45.92 -23.79 10.05
N SER A 37 -46.77 -23.03 9.34
CA SER A 37 -46.55 -21.62 9.14
C SER A 37 -47.80 -20.82 9.45
N TYR A 38 -47.60 -19.59 9.94
CA TYR A 38 -48.68 -18.65 10.22
C TYR A 38 -48.37 -17.34 9.51
N GLN A 39 -49.29 -16.91 8.65
CA GLN A 39 -49.17 -15.64 7.92
C GLN A 39 -47.84 -15.56 7.17
N ASN A 40 -47.35 -16.71 6.71
CA ASN A 40 -46.08 -16.83 5.97
C ASN A 40 -44.92 -16.18 6.72
N ARG A 41 -45.05 -16.04 8.04
CA ARG A 41 -44.09 -15.32 8.87
C ARG A 41 -43.50 -16.18 9.97
N TYR A 42 -44.33 -16.89 10.73
CA TYR A 42 -43.87 -17.72 11.84
C TYR A 42 -43.91 -19.17 11.39
N HIS A 43 -42.74 -19.77 11.22
CA HIS A 43 -42.61 -21.13 10.73
C HIS A 43 -42.11 -22.02 11.87
N PHE A 44 -42.59 -23.27 11.87
CA PHE A 44 -42.24 -24.23 12.92
C PHE A 44 -41.88 -25.56 12.30
N CYS A 45 -40.75 -26.13 12.71
CA CYS A 45 -40.50 -27.53 12.42
C CYS A 45 -41.48 -28.38 13.21
N GLU A 46 -41.74 -29.60 12.71
CA GLU A 46 -42.76 -30.43 13.33
C GLU A 46 -42.46 -30.69 14.81
N LYS A 47 -41.18 -30.95 15.12
CA LYS A 47 -40.81 -31.19 16.52
C LYS A 47 -41.09 -29.96 17.39
N CYS A 48 -40.67 -28.79 16.93
CA CYS A 48 -40.89 -27.58 17.73
C CYS A 48 -42.39 -27.27 17.86
N PHE A 49 -43.19 -27.68 16.88
CA PHE A 49 -44.64 -27.49 16.96
C PHE A 49 -45.26 -28.43 17.97
N ASN A 50 -44.93 -29.73 17.91
CA ASN A 50 -45.56 -30.70 18.77
C ASN A 50 -45.11 -30.57 20.22
N GLU A 51 -43.98 -29.92 20.47
CA GLU A 51 -43.52 -29.67 21.83
C GLU A 51 -44.16 -28.44 22.45
N ILE A 52 -44.98 -27.70 21.70
CA ILE A 52 -45.74 -26.60 22.27
C ILE A 52 -46.87 -27.15 23.13
N GLN A 53 -47.06 -26.54 24.30
CA GLN A 53 -48.07 -27.02 25.25
C GLN A 53 -49.46 -26.81 24.68
N GLY A 54 -50.20 -27.91 24.48
CA GLY A 54 -51.57 -27.79 24.03
C GLY A 54 -51.68 -27.13 22.66
N GLU A 55 -52.47 -26.07 22.60
CA GLU A 55 -52.78 -25.38 21.35
C GLU A 55 -52.77 -23.88 21.56
N SER A 56 -51.66 -23.36 22.10
CA SER A 56 -51.54 -21.91 22.35
C SER A 56 -50.08 -21.50 22.18
N VAL A 57 -49.78 -20.79 21.09
CA VAL A 57 -48.43 -20.36 20.78
C VAL A 57 -48.36 -18.85 20.89
N SER A 58 -47.48 -18.36 21.76
CA SER A 58 -47.25 -16.93 21.88
C SER A 58 -46.30 -16.47 20.78
N LEU A 59 -46.80 -15.60 19.91
CA LEU A 59 -46.05 -15.11 18.76
C LEU A 59 -45.68 -13.64 18.97
N GLY A 60 -44.88 -13.13 18.05
CA GLY A 60 -44.43 -11.75 18.11
C GLY A 60 -43.06 -11.60 17.49
N ASP A 61 -42.41 -10.49 17.82
CA ASP A 61 -41.06 -10.22 17.34
C ASP A 61 -40.30 -9.34 18.33
N PRO A 66 -47.08 -6.93 22.15
CA PRO A 66 -46.05 -7.90 21.76
C PRO A 66 -46.58 -9.33 21.63
N GLN A 67 -46.81 -9.99 22.77
CA GLN A 67 -47.24 -11.38 22.74
C GLN A 67 -48.63 -11.51 22.11
N THR A 68 -48.78 -12.52 21.25
CA THR A 68 -50.05 -12.81 20.57
C THR A 68 -50.26 -14.31 20.60
N THR A 69 -51.19 -14.78 21.44
CA THR A 69 -51.46 -16.20 21.56
C THR A 69 -52.33 -16.66 20.40
N ILE A 70 -51.77 -17.49 19.53
CA ILE A 70 -52.45 -18.00 18.35
C ILE A 70 -52.66 -19.50 18.53
N ASN A 71 -53.86 -19.97 18.22
CA ASN A 71 -54.12 -21.40 18.33
C ASN A 71 -53.41 -22.18 17.22
N LYS A 72 -53.19 -23.47 17.48
CA LYS A 72 -52.44 -24.31 16.56
C LYS A 72 -53.25 -24.69 15.32
N GLU A 73 -54.58 -24.72 15.42
CA GLU A 73 -55.38 -25.05 14.23
C GLU A 73 -55.40 -23.91 13.22
N GLN A 74 -54.85 -22.75 13.56
CA GLN A 74 -54.73 -21.63 12.64
C GLN A 74 -53.47 -21.70 11.78
N PHE A 75 -52.69 -22.77 11.88
CA PHE A 75 -51.50 -22.97 11.08
C PHE A 75 -51.79 -23.84 9.86
N SER A 76 -50.96 -23.68 8.84
CA SER A 76 -51.00 -24.54 7.67
C SER A 76 -49.84 -25.51 7.73
N LYS A 77 -50.13 -26.79 7.47
CA LYS A 77 -49.09 -27.81 7.40
C LYS A 77 -48.65 -27.95 5.95
N ARG A 78 -47.33 -27.87 5.72
CA ARG A 78 -46.81 -27.89 4.37
C ARG A 78 -45.40 -28.47 4.38
N LYS A 79 -44.91 -28.79 3.19
CA LYS A 79 -43.56 -29.29 2.98
C LYS A 79 -42.73 -28.22 2.27
N ASN A 80 -41.50 -28.02 2.75
CA ASN A 80 -40.63 -27.00 2.19
C ASN A 80 -40.09 -27.42 0.82
N ASP A 81 -40.96 -27.46 -0.19
CA ASP A 81 -40.55 -27.99 -1.50
C ASP A 81 -41.10 -27.15 -2.66
N THR A 82 -41.37 -25.87 -2.42
CA THR A 82 -41.88 -25.01 -3.49
C THR A 82 -40.75 -24.65 -4.46
N LEU A 83 -41.02 -24.78 -5.74
CA LEU A 83 -40.02 -24.59 -6.79
C LEU A 83 -40.43 -23.38 -7.63
N ASP A 84 -39.85 -22.21 -7.31
CA ASP A 84 -40.14 -21.02 -8.09
C ASP A 84 -39.35 -21.09 -9.39
N PRO A 85 -40.01 -21.02 -10.55
CA PRO A 85 -39.26 -21.02 -11.81
C PRO A 85 -38.36 -19.81 -11.92
N GLU A 86 -37.22 -19.99 -12.60
CA GLU A 86 -36.37 -18.87 -12.91
C GLU A 86 -37.11 -17.91 -13.84
N LEU A 87 -36.80 -16.63 -13.70
CA LEU A 87 -37.44 -15.61 -14.52
C LEU A 87 -36.77 -15.51 -15.88
N PHE A 88 -37.56 -15.14 -16.89
CA PHE A 88 -37.06 -14.84 -18.21
C PHE A 88 -37.11 -13.33 -18.45
N VAL A 89 -36.31 -12.88 -19.41
CA VAL A 89 -36.40 -11.52 -19.94
C VAL A 89 -36.56 -11.62 -21.44
N GLU A 90 -37.09 -10.56 -22.03
CA GLU A 90 -37.40 -10.52 -23.45
C GLU A 90 -36.57 -9.44 -24.12
N CYS A 91 -35.91 -9.80 -25.21
CA CYS A 91 -35.16 -8.82 -25.98
C CYS A 91 -36.13 -7.82 -26.59
N THR A 92 -35.85 -6.53 -26.39
CA THR A 92 -36.77 -5.49 -26.84
C THR A 92 -36.85 -5.40 -28.36
N GLU A 93 -36.03 -6.15 -29.10
CA GLU A 93 -36.03 -6.10 -30.56
C GLU A 93 -36.49 -7.41 -31.20
N CYS A 94 -35.81 -8.52 -30.92
CA CYS A 94 -36.20 -9.78 -31.55
C CYS A 94 -37.27 -10.53 -30.76
N GLY A 95 -37.56 -10.11 -29.54
CA GLY A 95 -38.57 -10.79 -28.75
C GLY A 95 -38.14 -12.13 -28.20
N ARG A 96 -36.86 -12.48 -28.32
CA ARG A 96 -36.38 -13.75 -27.79
C ARG A 96 -36.41 -13.73 -26.27
N LYS A 97 -36.87 -14.83 -25.67
CA LYS A 97 -36.99 -14.96 -24.23
C LYS A 97 -35.74 -15.64 -23.68
N MET A 98 -35.16 -15.04 -22.64
CA MET A 98 -33.88 -15.51 -22.11
C MET A 98 -33.91 -15.50 -20.59
N HIS A 99 -33.37 -16.58 -19.99
CA HIS A 99 -33.19 -16.61 -18.54
C HIS A 99 -32.47 -15.35 -18.09
N GLN A 100 -33.05 -14.66 -17.09
CA GLN A 100 -32.45 -13.41 -16.64
C GLN A 100 -31.06 -13.66 -16.07
N ILE A 101 -30.89 -14.75 -15.34
CA ILE A 101 -29.58 -15.06 -14.74
C ILE A 101 -28.57 -15.40 -15.83
N CYS A 102 -29.02 -16.09 -16.90
CA CYS A 102 -28.11 -16.47 -17.98
C CYS A 102 -27.51 -15.25 -18.67
N VAL A 103 -28.35 -14.25 -18.98
CA VAL A 103 -27.86 -13.07 -19.69
C VAL A 103 -27.47 -11.95 -18.73
N LEU A 104 -27.71 -12.12 -17.44
CA LEU A 104 -27.31 -11.14 -16.42
C LEU A 104 -27.85 -9.74 -16.73
N HIS A 105 -29.14 -9.67 -17.06
CA HIS A 105 -29.80 -8.40 -17.29
C HIS A 105 -30.36 -7.88 -15.96
N HIS A 106 -29.96 -6.66 -15.61
CA HIS A 106 -30.42 -6.01 -14.39
C HIS A 106 -31.05 -4.67 -14.75
N GLU A 107 -32.32 -4.50 -14.34
CA GLU A 107 -33.09 -3.34 -14.77
C GLU A 107 -32.44 -2.02 -14.34
N ILE A 108 -31.69 -2.03 -13.25
CA ILE A 108 -31.11 -0.78 -12.77
C ILE A 108 -29.83 -0.43 -13.53
N ILE A 109 -29.07 -1.44 -13.96
CA ILE A 109 -27.85 -1.16 -14.73
C ILE A 109 -28.19 -0.72 -16.15
N TRP A 110 -29.16 -1.39 -16.78
CA TRP A 110 -29.56 -1.11 -18.16
C TRP A 110 -31.05 -0.81 -18.15
N PRO A 111 -31.44 0.38 -17.71
CA PRO A 111 -32.88 0.70 -17.60
C PRO A 111 -33.59 0.74 -18.93
N ALA A 112 -32.88 0.99 -20.03
CA ALA A 112 -33.49 1.12 -21.35
C ALA A 112 -33.99 -0.20 -21.93
N GLY A 113 -33.91 -1.29 -21.19
CA GLY A 113 -34.45 -2.57 -21.63
C GLY A 113 -33.36 -3.55 -22.05
N PHE A 114 -33.77 -4.80 -22.19
CA PHE A 114 -32.86 -5.88 -22.53
C PHE A 114 -32.74 -6.00 -24.05
N VAL A 115 -31.50 -6.03 -24.54
CA VAL A 115 -31.20 -6.28 -25.94
C VAL A 115 -30.28 -7.49 -26.00
N CYS A 116 -30.72 -8.55 -26.66
CA CYS A 116 -29.96 -9.79 -26.71
C CYS A 116 -28.63 -9.58 -27.45
N ASP A 117 -27.71 -10.52 -27.27
CA ASP A 117 -26.40 -10.40 -27.87
C ASP A 117 -26.46 -10.52 -29.39
N GLY A 118 -27.40 -11.29 -29.93
CA GLY A 118 -27.55 -11.37 -31.37
C GLY A 118 -27.91 -10.03 -31.99
N CYS A 119 -28.84 -9.30 -31.37
CA CYS A 119 -29.18 -7.97 -31.85
C CYS A 119 -28.06 -6.97 -31.63
N LEU A 120 -27.15 -7.24 -30.70
CA LEU A 120 -26.04 -6.33 -30.46
C LEU A 120 -24.90 -6.55 -31.45
N LYS A 121 -24.52 -7.81 -31.65
CA LYS A 121 -23.45 -8.12 -32.60
C LYS A 121 -23.85 -7.72 -34.01
N LYS A 122 -25.08 -7.99 -34.40
CA LYS A 122 -25.53 -7.68 -35.75
C LYS A 122 -25.45 -6.18 -36.02
N SER A 123 -25.90 -5.36 -35.08
CA SER A 123 -25.89 -3.91 -35.22
C SER A 123 -24.58 -3.29 -34.75
N ALA A 124 -23.51 -4.08 -34.61
CA ALA A 124 -22.20 -3.59 -34.19
C ALA A 124 -22.30 -2.73 -32.93
N ARG A 125 -23.11 -3.18 -31.99
CA ARG A 125 -23.38 -2.45 -30.75
C ARG A 125 -22.87 -3.25 -29.57
N THR A 126 -22.67 -2.55 -28.46
CA THR A 126 -22.22 -3.18 -27.23
C THR A 126 -23.04 -2.62 -26.06
N ARG A 127 -23.19 -3.44 -25.03
CA ARG A 127 -23.88 -3.00 -23.81
C ARG A 127 -23.14 -1.82 -23.21
N LYS A 128 -23.90 -0.86 -22.70
CA LYS A 128 -23.28 0.25 -21.97
C LYS A 128 -22.57 -0.30 -20.73
N GLU A 129 -21.47 0.34 -20.38
CA GLU A 129 -20.62 -0.15 -19.30
C GLU A 129 -21.40 -0.23 -17.99
N ASN A 130 -21.18 -1.33 -17.26
CA ASN A 130 -21.74 -1.49 -15.92
C ASN A 130 -20.91 -0.64 -14.96
N LYS A 131 -21.49 0.48 -14.51
CA LYS A 131 -20.83 1.36 -13.55
C LYS A 131 -21.11 0.95 -12.11
N PHE A 132 -21.79 -0.18 -11.90
CA PHE A 132 -22.08 -0.73 -10.58
C PHE A 132 -21.21 -1.95 -10.30
N SER A 133 -19.95 -1.88 -10.72
CA SER A 133 -19.03 -3.01 -10.61
C SER A 133 -18.33 -3.01 -9.26
N ALA A 134 -17.67 -4.13 -8.97
CA ALA A 134 -16.84 -4.21 -7.76
C ALA A 134 -15.70 -3.21 -7.82
N LYS A 135 -15.10 -3.04 -8.99
CA LYS A 135 -13.97 -2.13 -9.16
C LYS A 135 -14.31 -0.72 -8.71
N ARG A 136 -15.54 -0.27 -9.00
CA ARG A 136 -15.94 1.10 -8.72
C ARG A 136 -16.53 1.30 -7.32
N LEU A 137 -16.57 0.26 -6.50
CA LEU A 137 -16.87 0.47 -5.09
C LEU A 137 -15.77 1.31 -4.47
N PRO A 138 -16.10 2.22 -3.54
CA PRO A 138 -15.07 3.08 -2.96
C PRO A 138 -13.97 2.25 -2.32
N SER A 139 -12.73 2.67 -2.54
CA SER A 139 -11.58 1.93 -2.06
C SER A 139 -11.12 2.47 -0.70
N THR A 140 -10.22 1.71 -0.08
CA THR A 140 -9.74 2.00 1.25
C THR A 140 -8.26 1.65 1.28
N ARG A 141 -7.55 2.11 2.31
CA ARG A 141 -6.18 1.67 2.49
C ARG A 141 -6.11 0.16 2.69
N LEU A 142 -7.00 -0.38 3.52
CA LEU A 142 -6.99 -1.81 3.79
C LEU A 142 -7.26 -2.61 2.53
N GLY A 143 -8.34 -2.29 1.81
CA GLY A 143 -8.68 -3.04 0.63
C GLY A 143 -7.58 -3.00 -0.43
N THR A 144 -6.98 -1.82 -0.63
CA THR A 144 -5.88 -1.69 -1.57
C THR A 144 -4.70 -2.56 -1.17
N PHE A 145 -4.34 -2.53 0.11
CA PHE A 145 -3.24 -3.33 0.62
C PHE A 145 -3.49 -4.81 0.37
N LEU A 146 -4.72 -5.27 0.61
CA LEU A 146 -5.04 -6.68 0.39
C LEU A 146 -4.99 -7.03 -1.10
N GLU A 147 -5.65 -6.24 -1.94
CA GLU A 147 -5.75 -6.63 -3.34
C GLU A 147 -4.41 -6.49 -4.08
N ASN A 148 -3.57 -5.53 -3.69
CA ASN A 148 -2.20 -5.51 -4.21
C ASN A 148 -1.49 -6.82 -3.88
N ARG A 149 -1.62 -7.26 -2.63
CA ARG A 149 -0.97 -8.51 -2.24
C ARG A 149 -1.48 -9.69 -3.06
N VAL A 150 -2.80 -9.75 -3.28
CA VAL A 150 -3.38 -10.89 -3.99
C VAL A 150 -2.99 -10.86 -5.47
N ASN A 151 -3.09 -9.69 -6.11
CA ASN A 151 -2.81 -9.61 -7.54
C ASN A 151 -1.33 -9.78 -7.83
N ASP A 152 -0.47 -9.25 -6.97
CA ASP A 152 0.96 -9.50 -7.12
C ASP A 152 1.25 -11.00 -7.01
N PHE A 153 0.64 -11.68 -6.05
CA PHE A 153 0.81 -13.12 -5.94
C PHE A 153 0.34 -13.81 -7.22
N LEU A 154 -0.84 -13.43 -7.71
CA LEU A 154 -1.39 -14.11 -8.89
C LEU A 154 -0.47 -13.93 -10.10
N ARG A 155 0.05 -12.72 -10.30
CA ARG A 155 0.94 -12.47 -11.43
C ARG A 155 2.26 -13.22 -11.30
N ARG A 156 2.74 -13.44 -10.07
CA ARG A 156 3.90 -14.31 -9.87
C ARG A 156 3.63 -15.75 -10.31
N GLN A 157 2.36 -16.17 -10.34
CA GLN A 157 2.03 -17.55 -10.68
C GLN A 157 1.90 -17.79 -12.18
N ASN A 158 1.63 -16.73 -12.96
CA ASN A 158 1.55 -16.82 -14.41
C ASN A 158 0.63 -17.95 -14.85
N HIS A 159 -0.60 -17.91 -14.33
CA HIS A 159 -1.57 -18.93 -14.73
C HIS A 159 -2.55 -18.34 -15.72
N PRO A 160 -2.73 -18.97 -16.89
CA PRO A 160 -3.56 -18.37 -17.94
C PRO A 160 -5.01 -18.11 -17.51
N GLU A 161 -5.52 -18.84 -16.53
CA GLU A 161 -6.95 -18.77 -16.20
C GLU A 161 -7.27 -17.75 -15.12
N SER A 162 -6.28 -17.18 -14.44
CA SER A 162 -6.58 -16.28 -13.33
C SER A 162 -7.03 -14.92 -13.83
N GLY A 163 -7.94 -14.30 -13.07
CA GLY A 163 -8.45 -12.98 -13.38
C GLY A 163 -8.07 -11.98 -12.30
N GLU A 164 -8.36 -10.71 -12.60
CA GLU A 164 -8.09 -9.65 -11.65
C GLU A 164 -8.99 -9.76 -10.43
N VAL A 165 -8.40 -9.57 -9.25
CA VAL A 165 -9.11 -9.66 -7.98
C VAL A 165 -9.23 -8.26 -7.40
N THR A 166 -10.43 -7.90 -6.97
CA THR A 166 -10.67 -6.65 -6.27
C THR A 166 -11.15 -6.95 -4.85
N VAL A 167 -10.52 -6.30 -3.87
CA VAL A 167 -10.90 -6.43 -2.47
C VAL A 167 -11.47 -5.09 -2.01
N ARG A 168 -12.65 -5.13 -1.41
CA ARG A 168 -13.33 -3.91 -0.97
C ARG A 168 -13.81 -4.05 0.46
N VAL A 169 -13.52 -3.05 1.28
CA VAL A 169 -14.17 -2.89 2.56
C VAL A 169 -15.48 -2.17 2.34
N VAL A 170 -16.59 -2.80 2.74
CA VAL A 170 -17.93 -2.29 2.45
C VAL A 170 -18.67 -1.86 3.69
N HIS A 171 -18.06 -1.97 4.86
CA HIS A 171 -18.70 -1.53 6.09
C HIS A 171 -17.62 -1.30 7.14
N ALA A 172 -17.81 -0.25 7.94
CA ALA A 172 -16.98 -0.03 9.13
C ALA A 172 -17.76 0.85 10.08
N SER A 173 -17.98 0.37 11.30
CA SER A 173 -18.75 1.14 12.28
C SER A 173 -18.30 0.78 13.68
N ASP A 174 -18.56 1.70 14.61
CA ASP A 174 -18.24 1.49 16.02
C ASP A 174 -19.32 0.64 16.69
N LYS A 175 -18.88 -0.27 17.55
CA LYS A 175 -19.76 -1.14 18.32
C LYS A 175 -19.18 -1.34 19.71
N THR A 176 -19.98 -1.95 20.59
CA THR A 176 -19.49 -2.43 21.88
C THR A 176 -20.06 -3.82 22.13
N VAL A 177 -19.31 -4.63 22.85
CA VAL A 177 -19.78 -5.93 23.32
C VAL A 177 -19.99 -5.85 24.82
N GLU A 178 -21.16 -6.25 25.27
CA GLU A 178 -21.54 -6.15 26.67
C GLU A 178 -21.40 -7.51 27.34
N VAL A 179 -20.80 -7.51 28.53
CA VAL A 179 -20.60 -8.74 29.29
C VAL A 179 -21.95 -9.30 29.70
N LYS A 180 -22.15 -10.60 29.44
CA LYS A 180 -23.43 -11.25 29.66
C LYS A 180 -23.75 -11.36 31.16
N PRO A 181 -25.03 -11.57 31.52
CA PRO A 181 -25.44 -11.39 32.93
C PRO A 181 -24.68 -12.22 33.95
N GLY A 182 -24.34 -13.47 33.65
CA GLY A 182 -23.63 -14.28 34.62
C GLY A 182 -22.25 -13.72 34.92
N MET A 183 -21.46 -13.49 33.87
CA MET A 183 -20.15 -12.88 34.07
C MET A 183 -20.27 -11.46 34.60
N LYS A 184 -21.33 -10.74 34.24
CA LYS A 184 -21.55 -9.41 34.79
C LYS A 184 -21.73 -9.46 36.30
N ALA A 185 -22.60 -10.36 36.77
CA ALA A 185 -22.85 -10.45 38.21
C ALA A 185 -21.62 -10.96 38.96
N ARG A 186 -20.78 -11.77 38.32
CA ARG A 186 -19.59 -12.28 39.00
C ARG A 186 -18.48 -11.23 39.06
N PHE A 187 -18.15 -10.62 37.91
CA PHE A 187 -16.95 -9.79 37.80
C PHE A 187 -17.22 -8.31 37.58
N VAL A 188 -18.28 -7.93 36.86
CA VAL A 188 -18.54 -6.52 36.61
C VAL A 188 -19.05 -5.83 37.86
N ASP A 189 -20.02 -6.46 38.54
CA ASP A 189 -20.66 -5.81 39.69
C ASP A 189 -19.68 -5.61 40.85
N SER A 190 -18.67 -6.46 40.96
CA SER A 190 -17.63 -6.25 41.97
C SER A 190 -16.54 -5.31 41.50
N GLY A 191 -16.59 -4.84 40.25
CA GLY A 191 -15.61 -3.91 39.74
C GLY A 191 -14.32 -4.52 39.25
N GLU A 192 -14.26 -5.83 39.05
CA GLU A 192 -13.04 -6.48 38.58
C GLU A 192 -12.91 -6.49 37.06
N MET A 193 -13.97 -6.13 36.33
CA MET A 193 -13.98 -6.26 34.87
C MET A 193 -14.88 -5.19 34.29
N ALA A 194 -14.49 -4.65 33.13
CA ALA A 194 -15.30 -3.62 32.49
C ALA A 194 -16.63 -4.22 32.04
N GLU A 195 -17.66 -3.39 32.00
CA GLU A 195 -18.98 -3.89 31.60
C GLU A 195 -19.11 -4.06 30.09
N SER A 196 -18.32 -3.35 29.31
CA SER A 196 -18.43 -3.43 27.86
C SER A 196 -17.06 -3.11 27.25
N PHE A 197 -16.91 -3.48 25.98
CA PHE A 197 -15.64 -3.29 25.27
C PHE A 197 -15.92 -2.68 23.92
N PRO A 198 -15.38 -1.50 23.62
CA PRO A 198 -15.62 -0.87 22.32
C PRO A 198 -14.75 -1.48 21.23
N TYR A 199 -15.32 -1.62 20.05
CA TYR A 199 -14.56 -2.13 18.92
C TYR A 199 -15.13 -1.57 17.63
N ARG A 200 -14.38 -1.74 16.56
CA ARG A 200 -14.83 -1.42 15.22
C ARG A 200 -15.00 -2.72 14.45
N THR A 201 -16.16 -2.89 13.83
CA THR A 201 -16.38 -4.00 12.93
C THR A 201 -16.18 -3.55 11.49
N LYS A 202 -15.63 -4.44 10.67
CA LYS A 202 -15.47 -4.20 9.26
C LYS A 202 -15.91 -5.42 8.48
N ALA A 203 -16.56 -5.19 7.35
CA ALA A 203 -16.92 -6.25 6.41
C ALA A 203 -16.15 -6.02 5.12
N LEU A 204 -15.54 -7.08 4.59
CA LEU A 204 -14.83 -6.94 3.33
C LEU A 204 -15.03 -8.17 2.46
N PHE A 205 -14.95 -7.96 1.16
CA PHE A 205 -15.25 -8.98 0.18
C PHE A 205 -14.20 -8.96 -0.92
N ALA A 206 -13.93 -10.13 -1.48
CA ALA A 206 -13.03 -10.25 -2.62
C ALA A 206 -13.81 -10.73 -3.83
N PHE A 207 -13.57 -10.09 -4.97
CA PHE A 207 -14.22 -10.41 -6.22
C PHE A 207 -13.17 -10.79 -7.24
N GLU A 208 -13.53 -11.67 -8.18
CA GLU A 208 -12.66 -12.00 -9.29
C GLU A 208 -13.40 -11.71 -10.59
N GLU A 209 -12.72 -11.02 -11.50
CA GLU A 209 -13.27 -10.74 -12.81
C GLU A 209 -13.09 -11.98 -13.68
N ILE A 210 -14.18 -12.67 -13.97
CA ILE A 210 -14.19 -13.86 -14.82
C ILE A 210 -14.99 -13.51 -16.06
N ASP A 211 -14.29 -13.30 -17.19
CA ASP A 211 -14.90 -12.99 -18.48
C ASP A 211 -15.58 -11.61 -18.46
N GLY A 212 -14.94 -10.64 -17.81
CA GLY A 212 -15.56 -9.34 -17.66
C GLY A 212 -16.78 -9.36 -16.76
N VAL A 213 -16.94 -10.40 -15.96
CA VAL A 213 -18.07 -10.54 -15.05
C VAL A 213 -17.52 -10.73 -13.63
N ASP A 214 -18.00 -9.91 -12.71
CA ASP A 214 -17.55 -10.01 -11.33
C ASP A 214 -18.15 -11.25 -10.66
N LEU A 215 -17.34 -11.90 -9.83
CA LEU A 215 -17.81 -12.99 -8.98
C LEU A 215 -17.28 -12.76 -7.58
N CYS A 216 -18.18 -12.60 -6.62
CA CYS A 216 -17.80 -12.53 -5.22
C CYS A 216 -17.56 -13.94 -4.70
N PHE A 217 -16.33 -14.21 -4.27
CA PHE A 217 -15.94 -15.54 -3.84
C PHE A 217 -15.45 -15.61 -2.40
N PHE A 218 -15.37 -14.49 -1.70
CA PHE A 218 -14.79 -14.50 -0.36
C PHE A 218 -15.34 -13.32 0.44
N GLY A 219 -15.63 -13.57 1.70
CA GLY A 219 -16.16 -12.54 2.58
C GLY A 219 -15.63 -12.70 3.99
N MET A 220 -15.55 -11.58 4.71
CA MET A 220 -15.03 -11.57 6.06
C MET A 220 -15.64 -10.43 6.87
N HIS A 221 -16.00 -10.73 8.11
CA HIS A 221 -16.31 -9.74 9.13
C HIS A 221 -15.32 -9.88 10.26
N VAL A 222 -14.80 -8.75 10.75
CA VAL A 222 -13.80 -8.75 11.81
C VAL A 222 -14.21 -7.75 12.89
N GLN A 223 -13.63 -7.95 14.07
CA GLN A 223 -13.84 -7.06 15.22
C GLN A 223 -12.47 -6.58 15.66
N GLU A 224 -12.27 -5.26 15.67
CA GLU A 224 -10.97 -4.68 15.98
C GLU A 224 -11.08 -3.84 17.24
N TYR A 225 -10.39 -4.28 18.29
CA TYR A 225 -10.39 -3.60 19.58
C TYR A 225 -9.09 -2.80 19.68
N GLY A 226 -9.22 -1.48 19.77
CA GLY A 226 -8.10 -0.58 19.61
C GLY A 226 -7.32 -0.35 20.89
N SER A 227 -6.40 0.60 20.82
CA SER A 227 -5.60 0.98 21.97
C SER A 227 -6.40 1.66 23.06
N ASP A 228 -7.63 2.09 22.77
CA ASP A 228 -8.53 2.64 23.79
C ASP A 228 -9.30 1.58 24.56
N CYS A 229 -9.32 0.35 24.09
CA CYS A 229 -10.14 -0.67 24.75
C CYS A 229 -9.50 -1.09 26.07
N PRO A 230 -10.27 -1.18 27.16
CA PRO A 230 -9.68 -1.67 28.41
C PRO A 230 -9.29 -3.13 28.28
N PRO A 231 -8.31 -3.58 29.06
CA PRO A 231 -8.00 -5.01 29.07
C PRO A 231 -9.22 -5.80 29.52
N PRO A 232 -9.32 -7.08 29.11
CA PRO A 232 -8.33 -7.88 28.38
C PRO A 232 -8.42 -7.83 26.85
N ASN A 233 -9.15 -6.88 26.29
CA ASN A 233 -9.44 -6.88 24.86
C ASN A 233 -8.57 -5.94 24.04
N GLN A 234 -7.65 -5.19 24.65
CA GLN A 234 -7.02 -4.11 23.91
C GLN A 234 -5.99 -4.62 22.89
N ARG A 235 -5.98 -3.95 21.73
CA ARG A 235 -5.02 -4.22 20.65
C ARG A 235 -5.16 -5.62 20.08
N ARG A 236 -6.40 -6.08 19.93
CA ARG A 236 -6.70 -7.42 19.44
C ARG A 236 -7.71 -7.35 18.30
N VAL A 237 -7.58 -8.26 17.34
CA VAL A 237 -8.58 -8.42 16.31
C VAL A 237 -9.12 -9.85 16.40
N TYR A 238 -10.43 -9.96 16.16
CA TYR A 238 -11.14 -11.24 16.22
C TYR A 238 -11.92 -11.39 14.94
N ILE A 239 -11.73 -12.52 14.26
CA ILE A 239 -12.43 -12.76 13.00
C ILE A 239 -13.81 -13.32 13.32
N SER A 240 -14.85 -12.52 13.09
CA SER A 240 -16.21 -12.94 13.39
C SER A 240 -16.64 -14.08 12.48
N TYR A 241 -16.49 -13.90 11.16
CA TYR A 241 -17.01 -14.83 10.18
C TYR A 241 -16.13 -14.81 8.94
N LEU A 242 -15.91 -16.00 8.38
CA LEU A 242 -15.26 -16.18 7.08
C LEU A 242 -16.16 -17.07 6.23
N ASP A 243 -16.23 -16.76 4.94
CA ASP A 243 -17.03 -17.58 4.03
C ASP A 243 -16.47 -17.45 2.62
N SER A 244 -16.84 -18.41 1.78
CA SER A 244 -16.33 -18.45 0.42
C SER A 244 -17.33 -19.16 -0.48
N VAL A 245 -17.25 -18.85 -1.77
CA VAL A 245 -17.96 -19.58 -2.83
C VAL A 245 -16.88 -20.12 -3.77
N HIS A 246 -16.85 -21.44 -3.97
CA HIS A 246 -15.65 -22.14 -4.42
C HIS A 246 -15.39 -22.01 -5.92
N PHE A 247 -15.88 -20.97 -6.60
CA PHE A 247 -15.73 -20.86 -8.04
C PHE A 247 -14.54 -20.01 -8.47
N PHE A 248 -13.60 -19.70 -7.58
CA PHE A 248 -12.42 -18.95 -8.00
C PHE A 248 -11.66 -19.71 -9.08
N ARG A 249 -11.19 -18.99 -10.09
CA ARG A 249 -10.56 -19.58 -11.27
C ARG A 249 -9.11 -19.12 -11.37
N PRO A 250 -8.13 -20.04 -11.40
CA PRO A 250 -8.24 -21.49 -11.42
C PRO A 250 -8.39 -22.10 -10.02
N LYS A 251 -8.93 -23.32 -9.97
CA LYS A 251 -9.13 -23.99 -8.69
C LYS A 251 -7.83 -24.18 -7.93
N CYS A 252 -6.71 -24.39 -8.64
CA CYS A 252 -5.45 -24.70 -7.96
C CYS A 252 -4.80 -23.50 -7.28
N LEU A 253 -5.33 -22.30 -7.47
CA LEU A 253 -4.85 -21.13 -6.75
C LEU A 253 -5.82 -20.64 -5.69
N ARG A 254 -6.96 -21.32 -5.53
CA ARG A 254 -8.01 -20.84 -4.63
C ARG A 254 -7.52 -20.74 -3.18
N THR A 255 -6.92 -21.83 -2.67
CA THR A 255 -6.48 -21.82 -1.28
C THR A 255 -5.41 -20.76 -1.04
N ALA A 256 -4.44 -20.68 -1.96
CA ALA A 256 -3.38 -19.68 -1.81
C ALA A 256 -3.95 -18.28 -1.80
N VAL A 257 -5.01 -18.03 -2.56
CA VAL A 257 -5.62 -16.70 -2.57
C VAL A 257 -6.28 -16.41 -1.23
N TYR A 258 -7.00 -17.38 -0.65
CA TYR A 258 -7.53 -17.22 0.69
C TYR A 258 -6.41 -16.89 1.68
N HIS A 259 -5.30 -17.62 1.59
CA HIS A 259 -4.17 -17.35 2.48
C HIS A 259 -3.63 -15.94 2.29
N GLU A 260 -3.48 -15.49 1.04
CA GLU A 260 -2.96 -14.16 0.78
C GLU A 260 -3.82 -13.09 1.44
N ILE A 261 -5.14 -13.23 1.32
CA ILE A 261 -6.06 -12.28 1.93
C ILE A 261 -5.93 -12.29 3.45
N LEU A 262 -6.00 -13.49 4.04
CA LEU A 262 -5.98 -13.60 5.49
C LEU A 262 -4.62 -13.22 6.07
N ILE A 263 -3.54 -13.66 5.43
CA ILE A 263 -2.21 -13.27 5.91
C ILE A 263 -1.98 -11.78 5.69
N GLY A 264 -2.46 -11.25 4.57
CA GLY A 264 -2.34 -9.81 4.34
C GLY A 264 -3.07 -8.99 5.38
N TYR A 265 -4.25 -9.45 5.81
CA TYR A 265 -5.01 -8.75 6.83
C TYR A 265 -4.24 -8.73 8.15
N LEU A 266 -3.66 -9.88 8.54
CA LEU A 266 -2.84 -9.93 9.74
C LEU A 266 -1.62 -9.01 9.60
N GLU A 267 -1.00 -9.00 8.41
CA GLU A 267 0.11 -8.08 8.18
C GLU A 267 -0.34 -6.64 8.34
N TYR A 268 -1.53 -6.32 7.84
CA TYR A 268 -2.05 -4.97 7.90
C TYR A 268 -2.32 -4.53 9.34
N VAL A 269 -3.05 -5.35 10.11
CA VAL A 269 -3.36 -4.92 11.47
C VAL A 269 -2.11 -4.89 12.32
N LYS A 270 -1.15 -5.78 12.06
CA LYS A 270 0.14 -5.70 12.72
C LYS A 270 0.82 -4.37 12.45
N LYS A 271 0.69 -3.86 11.21
CA LYS A 271 1.30 -2.57 10.88
C LYS A 271 0.64 -1.43 11.67
N LEU A 272 -0.68 -1.50 11.86
CA LEU A 272 -1.37 -0.45 12.61
C LEU A 272 -1.12 -0.51 14.11
N GLY A 273 -0.59 -1.62 14.62
CA GLY A 273 -0.29 -1.74 16.04
C GLY A 273 -1.11 -2.73 16.81
N TYR A 274 -2.02 -3.47 16.18
CA TYR A 274 -2.71 -4.55 16.86
C TYR A 274 -1.72 -5.66 17.16
N THR A 275 -1.67 -6.10 18.42
CA THR A 275 -0.68 -7.08 18.85
C THR A 275 -1.09 -8.52 18.61
N THR A 276 -2.40 -8.80 18.54
CA THR A 276 -2.86 -10.17 18.64
C THR A 276 -4.07 -10.41 17.76
N GLY A 277 -4.11 -11.58 17.12
CA GLY A 277 -5.26 -12.01 16.34
C GLY A 277 -5.91 -13.23 16.98
N HIS A 278 -7.22 -13.36 16.79
CA HIS A 278 -7.97 -14.45 17.40
C HIS A 278 -8.88 -15.06 16.35
N ILE A 279 -8.81 -16.38 16.22
CA ILE A 279 -9.60 -17.13 15.27
C ILE A 279 -10.30 -18.26 16.00
N TRP A 280 -11.62 -18.34 15.86
CA TRP A 280 -12.41 -19.47 16.32
C TRP A 280 -12.67 -20.35 15.10
N ALA A 281 -11.95 -21.46 15.00
CA ALA A 281 -12.04 -22.36 13.84
C ALA A 281 -13.28 -23.25 14.00
N CYS A 282 -14.42 -22.70 13.58
CA CYS A 282 -15.70 -23.37 13.79
C CYS A 282 -16.45 -23.50 12.47
N PRO A 283 -16.68 -24.72 11.98
CA PRO A 283 -17.49 -24.87 10.77
C PRO A 283 -18.94 -24.52 11.04
N PRO A 284 -19.66 -24.01 10.04
CA PRO A 284 -21.11 -23.90 10.17
C PRO A 284 -21.74 -25.27 10.21
N SER A 285 -22.88 -25.37 10.90
CA SER A 285 -23.66 -26.59 10.82
C SER A 285 -24.42 -26.62 9.50
N GLU A 286 -24.84 -27.82 9.11
CA GLU A 286 -25.45 -28.02 7.80
C GLU A 286 -26.66 -27.13 7.61
N GLY A 287 -26.82 -26.62 6.39
CA GLY A 287 -27.92 -25.73 6.08
C GLY A 287 -27.79 -24.32 6.61
N ASP A 288 -26.71 -24.02 7.31
CA ASP A 288 -26.45 -22.69 7.84
C ASP A 288 -25.38 -22.00 6.99
N ASP A 289 -25.68 -20.79 6.56
CA ASP A 289 -24.75 -19.98 5.78
C ASP A 289 -24.22 -18.86 6.67
N TYR A 290 -22.88 -18.73 6.73
CA TYR A 290 -22.30 -17.63 7.50
C TYR A 290 -22.54 -16.29 6.80
N ILE A 291 -22.14 -16.18 5.54
CA ILE A 291 -22.18 -14.92 4.81
C ILE A 291 -22.96 -15.04 3.51
N PHE A 292 -22.70 -16.09 2.72
CA PHE A 292 -23.27 -16.26 1.40
C PHE A 292 -24.43 -17.24 1.45
N HIS A 293 -25.60 -16.77 1.00
CA HIS A 293 -26.81 -17.58 1.04
C HIS A 293 -26.78 -18.64 -0.06
N CYS A 294 -27.10 -19.89 0.32
CA CYS A 294 -27.27 -21.00 -0.62
C CYS A 294 -25.97 -21.36 -1.36
N HIS A 295 -25.08 -22.00 -0.60
CA HIS A 295 -23.82 -22.50 -1.15
C HIS A 295 -24.05 -23.62 -2.18
N PRO A 296 -23.08 -23.86 -3.07
CA PRO A 296 -23.20 -24.98 -4.01
C PRO A 296 -23.26 -26.31 -3.28
N PRO A 297 -24.10 -27.24 -3.73
CA PRO A 297 -24.20 -28.53 -3.03
C PRO A 297 -22.89 -29.31 -2.98
N ASP A 298 -22.04 -29.19 -3.99
CA ASP A 298 -20.77 -29.91 -3.98
C ASP A 298 -19.64 -29.11 -3.35
N GLN A 299 -19.90 -27.92 -2.83
CA GLN A 299 -18.96 -27.24 -1.94
C GLN A 299 -19.27 -27.72 -0.51
N LYS A 300 -18.37 -28.54 0.04
CA LYS A 300 -18.62 -29.20 1.30
C LYS A 300 -18.16 -28.35 2.48
N ILE A 301 -18.93 -28.39 3.56
CA ILE A 301 -18.50 -27.77 4.82
C ILE A 301 -17.37 -28.62 5.39
N PRO A 302 -16.20 -28.04 5.66
CA PRO A 302 -15.11 -28.82 6.25
C PRO A 302 -15.47 -29.30 7.64
N LYS A 303 -15.07 -30.53 7.95
CA LYS A 303 -15.21 -31.03 9.30
C LYS A 303 -14.15 -30.38 10.19
N PRO A 304 -14.41 -30.32 11.51
CA PRO A 304 -13.56 -29.49 12.39
C PRO A 304 -12.06 -29.74 12.29
N LYS A 305 -11.62 -31.00 12.27
CA LYS A 305 -10.19 -31.28 12.24
C LYS A 305 -9.54 -30.74 10.97
N ARG A 306 -10.24 -30.81 9.84
CA ARG A 306 -9.65 -30.31 8.60
C ARG A 306 -9.69 -28.79 8.52
N LEU A 307 -10.71 -28.16 9.10
CA LEU A 307 -10.71 -26.71 9.22
C LEU A 307 -9.54 -26.23 10.07
N GLN A 308 -9.29 -26.91 11.19
CA GLN A 308 -8.17 -26.54 12.06
C GLN A 308 -6.84 -26.65 11.34
N GLU A 309 -6.63 -27.77 10.64
CA GLU A 309 -5.39 -27.95 9.89
C GLU A 309 -5.25 -26.91 8.79
N TRP A 310 -6.38 -26.51 8.19
CA TRP A 310 -6.36 -25.44 7.19
C TRP A 310 -5.85 -24.13 7.81
N PHE A 311 -6.36 -23.77 8.99
CA PHE A 311 -5.89 -22.56 9.65
C PHE A 311 -4.43 -22.70 10.08
N LYS A 312 -4.05 -23.89 10.54
CA LYS A 312 -2.65 -24.14 10.90
C LYS A 312 -1.72 -23.92 9.72
N LYS A 313 -2.11 -24.41 8.54
CA LYS A 313 -1.28 -24.22 7.35
C LYS A 313 -1.16 -22.75 7.00
N MET A 314 -2.27 -22.01 7.07
CA MET A 314 -2.22 -20.57 6.78
C MET A 314 -1.31 -19.84 7.76
N LEU A 315 -1.41 -20.15 9.05
CA LEU A 315 -0.61 -19.45 10.04
C LEU A 315 0.87 -19.84 9.93
N ASP A 316 1.16 -21.09 9.59
CA ASP A 316 2.55 -21.51 9.40
C ASP A 316 3.20 -20.73 8.27
N LYS A 317 2.47 -20.52 7.17
CA LYS A 317 2.98 -19.69 6.08
C LYS A 317 3.20 -18.26 6.54
N ALA A 318 2.30 -17.75 7.39
CA ALA A 318 2.45 -16.39 7.90
C ALA A 318 3.67 -16.28 8.83
N VAL A 319 3.96 -17.35 9.58
CA VAL A 319 5.14 -17.34 10.44
C VAL A 319 6.42 -17.33 9.61
N SER A 320 6.50 -18.20 8.60
CA SER A 320 7.68 -18.23 7.75
C SER A 320 7.84 -16.95 6.94
N GLU A 321 6.76 -16.19 6.75
CA GLU A 321 6.81 -14.89 6.09
C GLU A 321 7.20 -13.77 7.04
N ARG A 322 7.48 -14.08 8.31
CA ARG A 322 7.85 -13.11 9.33
C ARG A 322 6.72 -12.13 9.64
N ILE A 323 5.49 -12.47 9.29
CA ILE A 323 4.33 -11.64 9.60
C ILE A 323 3.80 -12.00 10.97
N VAL A 324 3.48 -13.29 11.18
CA VAL A 324 3.08 -13.77 12.50
C VAL A 324 4.32 -14.21 13.25
N HIS A 325 4.46 -13.75 14.50
CA HIS A 325 5.57 -14.20 15.33
C HIS A 325 5.40 -15.66 15.72
N ASP A 326 4.24 -16.01 16.26
CA ASP A 326 3.90 -17.40 16.59
C ASP A 326 2.43 -17.45 16.92
N TYR A 327 1.94 -18.67 17.19
CA TYR A 327 0.56 -18.85 17.60
C TYR A 327 0.48 -20.05 18.52
N LYS A 328 -0.53 -20.04 19.39
CA LYS A 328 -0.78 -21.11 20.34
C LYS A 328 -2.29 -21.31 20.46
N ASP A 329 -2.68 -22.51 20.89
CA ASP A 329 -4.08 -22.69 21.27
C ASP A 329 -4.37 -21.95 22.57
N ILE A 330 -5.65 -21.75 22.85
CA ILE A 330 -6.04 -20.95 24.01
C ILE A 330 -5.52 -21.58 25.30
N PHE A 331 -5.56 -22.91 25.40
CA PHE A 331 -5.13 -23.60 26.61
C PHE A 331 -3.65 -23.39 26.86
N LYS A 332 -2.82 -23.61 25.83
CA LYS A 332 -1.39 -23.33 25.95
C LYS A 332 -1.14 -21.86 26.23
N GLN A 333 -1.89 -20.97 25.56
CA GLN A 333 -1.71 -19.53 25.75
C GLN A 333 -1.97 -19.14 27.20
N ALA A 334 -3.07 -19.62 27.77
CA ALA A 334 -3.40 -19.27 29.14
C ALA A 334 -2.35 -19.79 30.10
N THR A 335 -1.86 -21.01 29.88
CA THR A 335 -0.82 -21.58 30.73
C THR A 335 0.43 -20.72 30.73
N GLU A 336 0.91 -20.34 29.54
CA GLU A 336 2.08 -19.47 29.47
C GLU A 336 1.79 -18.10 30.08
N ASP A 337 0.57 -17.60 29.91
CA ASP A 337 0.16 -16.35 30.54
C ASP A 337 -0.10 -16.51 32.04
N ARG A 338 -0.05 -17.74 32.55
CA ARG A 338 -0.30 -18.03 33.97
C ARG A 338 -1.64 -17.45 34.41
N LEU A 339 -2.66 -17.75 33.61
CA LEU A 339 -4.01 -17.28 33.85
C LEU A 339 -4.64 -18.00 35.04
N THR A 340 -5.47 -17.27 35.79
CA THR A 340 -6.17 -17.85 36.92
C THR A 340 -7.66 -17.55 36.98
N SER A 341 -8.18 -16.64 36.16
CA SER A 341 -9.58 -16.26 36.24
C SER A 341 -10.16 -16.03 34.84
N ALA A 342 -11.46 -16.33 34.70
CA ALA A 342 -12.14 -16.12 33.43
C ALA A 342 -12.13 -14.66 33.02
N LYS A 343 -12.03 -13.74 33.98
CA LYS A 343 -12.03 -12.32 33.64
C LYS A 343 -10.83 -11.94 32.79
N GLU A 344 -9.77 -12.74 32.81
CA GLU A 344 -8.58 -12.46 32.02
C GLU A 344 -8.69 -12.91 30.58
N LEU A 345 -9.76 -13.62 30.21
CA LEU A 345 -9.89 -14.07 28.83
C LEU A 345 -10.47 -12.94 27.96
N PRO A 346 -9.96 -12.76 26.75
CA PRO A 346 -10.58 -11.81 25.82
C PRO A 346 -12.04 -12.14 25.60
N TYR A 347 -12.87 -11.10 25.61
CA TYR A 347 -14.33 -11.22 25.62
C TYR A 347 -14.88 -10.60 24.35
N PHE A 348 -15.20 -11.43 23.36
CA PHE A 348 -15.57 -10.97 22.02
C PHE A 348 -17.06 -11.18 21.75
N GLU A 349 -17.58 -10.37 20.83
CA GLU A 349 -19.00 -10.44 20.50
C GLU A 349 -19.31 -11.75 19.76
N GLY A 350 -20.34 -12.46 20.24
CA GLY A 350 -20.77 -13.69 19.60
C GLY A 350 -19.81 -14.84 19.68
N ASP A 351 -18.74 -14.74 20.47
CA ASP A 351 -17.74 -15.78 20.55
C ASP A 351 -18.20 -16.91 21.49
N PHE A 352 -17.50 -18.03 21.39
CA PHE A 352 -17.80 -19.21 22.20
C PHE A 352 -17.61 -18.96 23.68
N TRP A 353 -16.51 -18.32 24.06
CA TRP A 353 -16.16 -18.22 25.47
C TRP A 353 -17.16 -17.42 26.31
N PRO A 354 -17.71 -16.29 25.86
CA PRO A 354 -18.79 -15.68 26.64
C PRO A 354 -19.94 -16.62 26.92
N ASN A 355 -20.30 -17.48 25.96
CA ASN A 355 -21.40 -18.41 26.17
C ASN A 355 -21.05 -19.49 27.19
N VAL A 356 -19.87 -20.10 27.05
CA VAL A 356 -19.50 -21.18 27.96
C VAL A 356 -19.26 -20.65 29.36
N LEU A 357 -18.77 -19.42 29.50
CA LEU A 357 -18.55 -18.87 30.84
C LEU A 357 -19.85 -18.62 31.56
N GLU A 358 -20.92 -18.27 30.83
CA GLU A 358 -22.25 -18.20 31.46
C GLU A 358 -22.63 -19.53 32.07
N GLU A 359 -22.48 -20.61 31.30
CA GLU A 359 -22.84 -21.92 31.79
C GLU A 359 -21.91 -22.39 32.90
N SER A 360 -20.61 -22.10 32.78
CA SER A 360 -19.66 -22.53 33.80
C SER A 360 -19.97 -21.92 35.16
N ILE A 361 -20.27 -20.62 35.19
CA ILE A 361 -20.58 -19.96 36.46
C ILE A 361 -21.86 -20.54 37.07
N LYS A 362 -22.87 -20.78 36.23
CA LYS A 362 -24.13 -21.31 36.73
C LYS A 362 -23.98 -22.72 37.27
N GLU A 363 -23.31 -23.60 36.52
CA GLU A 363 -23.18 -24.99 36.96
C GLU A 363 -22.24 -25.14 38.15
N SER A 364 -21.31 -24.21 38.35
CA SER A 364 -20.44 -24.23 39.52
C SER A 364 -21.08 -23.57 40.74
N GLY A 365 -22.29 -23.04 40.61
CA GLY A 365 -22.92 -22.38 41.73
C GLY A 365 -22.42 -20.98 42.01
N GLY A 366 -21.54 -20.44 41.17
CA GLY A 366 -21.11 -19.06 41.35
C GLY A 366 -19.63 -18.80 41.23
N SER A 367 -18.85 -19.81 40.85
CA SER A 367 -17.43 -19.61 40.65
C SER A 367 -17.15 -19.20 39.21
N GLY A 368 -16.10 -18.40 39.04
CA GLY A 368 -15.67 -17.99 37.71
C GLY A 368 -14.29 -18.48 37.36
N SER A 369 -13.85 -19.56 38.02
CA SER A 369 -12.55 -20.15 37.72
C SER A 369 -12.56 -21.68 37.75
N GLN A 370 -13.69 -22.31 38.09
CA GLN A 370 -13.73 -23.72 38.46
C GLN A 370 -13.22 -24.66 37.37
N LYS A 371 -13.92 -24.73 36.26
CA LYS A 371 -13.59 -25.64 35.18
C LYS A 371 -12.88 -24.93 34.02
N LEU A 372 -12.32 -23.74 34.28
CA LEU A 372 -11.74 -22.93 33.22
C LEU A 372 -10.70 -23.71 32.43
N TYR A 373 -9.65 -24.17 33.10
CA TYR A 373 -8.57 -24.86 32.40
C TYR A 373 -9.05 -26.16 31.76
N ALA A 374 -9.94 -26.89 32.44
CA ALA A 374 -10.48 -28.11 31.84
C ALA A 374 -11.24 -27.80 30.57
N THR A 375 -12.04 -26.73 30.57
CA THR A 375 -12.80 -26.37 29.39
C THR A 375 -11.89 -25.89 28.26
N MET A 376 -10.83 -25.16 28.60
CA MET A 376 -9.90 -24.70 27.59
C MET A 376 -9.13 -25.88 26.97
N GLU A 377 -8.74 -26.86 27.79
CA GLU A 377 -8.08 -28.05 27.25
C GLU A 377 -9.02 -28.82 26.33
N LYS A 378 -10.30 -28.90 26.70
CA LYS A 378 -11.26 -29.64 25.89
C LYS A 378 -11.36 -29.07 24.48
N HIS A 379 -11.33 -27.75 24.35
CA HIS A 379 -11.58 -27.10 23.07
C HIS A 379 -10.35 -26.43 22.46
N LYS A 380 -9.14 -26.74 22.93
CA LYS A 380 -7.99 -25.92 22.61
C LYS A 380 -7.70 -25.87 21.12
N GLU A 381 -7.86 -27.00 20.42
CA GLU A 381 -7.55 -27.09 19.00
C GLU A 381 -8.40 -26.14 18.16
N VAL A 382 -9.51 -25.66 18.71
CA VAL A 382 -10.45 -24.84 17.95
C VAL A 382 -10.16 -23.34 18.08
N PHE A 383 -9.35 -22.93 19.04
CA PHE A 383 -9.13 -21.52 19.35
C PHE A 383 -7.67 -21.16 19.15
N PHE A 384 -7.40 -20.33 18.14
CA PHE A 384 -6.05 -19.89 17.83
C PHE A 384 -5.83 -18.49 18.41
N VAL A 385 -4.71 -18.31 19.12
CA VAL A 385 -4.26 -17.02 19.59
C VAL A 385 -2.99 -16.68 18.83
N ILE A 386 -3.04 -15.62 18.02
CA ILE A 386 -2.04 -15.33 17.01
C ILE A 386 -1.26 -14.10 17.45
N ARG A 387 0.01 -14.27 17.78
CA ARG A 387 0.84 -13.16 18.27
C ARG A 387 1.46 -12.43 17.07
N LEU A 388 1.05 -11.19 16.86
CA LEU A 388 1.57 -10.38 15.77
C LEU A 388 2.80 -9.58 16.19
N ILE A 389 2.75 -8.96 17.36
CA ILE A 389 3.83 -8.14 17.89
C ILE A 389 4.26 -8.73 19.22
N ALA A 390 5.54 -9.07 19.36
CA ALA A 390 6.01 -9.88 20.47
C ALA A 390 7.16 -9.20 21.19
N GLY A 391 7.34 -9.60 22.45
CA GLY A 391 8.47 -9.19 23.24
C GLY A 391 8.44 -7.72 23.65
N PRO A 392 9.59 -7.06 23.56
CA PRO A 392 9.67 -5.67 24.02
C PRO A 392 8.94 -4.71 23.10
N ALA A 393 8.81 -5.04 21.81
CA ALA A 393 8.12 -4.15 20.89
C ALA A 393 6.67 -3.92 21.27
N ALA A 394 6.05 -4.92 21.93
CA ALA A 394 4.64 -4.82 22.28
C ALA A 394 4.38 -3.81 23.40
N ASN A 395 5.40 -3.41 24.15
CA ASN A 395 5.19 -2.59 25.34
C ASN A 395 5.09 -1.11 25.05
N SER A 396 5.82 -0.62 24.05
CA SER A 396 5.98 0.81 23.83
C SER A 396 5.23 1.32 22.61
N LEU A 397 4.11 0.68 22.26
CA LEU A 397 3.46 0.97 21.00
C LEU A 397 2.76 2.33 21.04
N PRO A 398 2.78 3.08 19.93
CA PRO A 398 2.00 4.32 19.85
C PRO A 398 0.52 4.02 19.64
N PRO A 399 -0.35 5.01 19.78
CA PRO A 399 -1.78 4.78 19.59
C PRO A 399 -2.08 4.22 18.19
N ILE A 400 -3.16 3.46 18.11
CA ILE A 400 -3.61 2.92 16.83
C ILE A 400 -4.45 3.98 16.13
N VAL A 401 -3.97 4.46 14.98
CA VAL A 401 -4.67 5.45 14.18
C VAL A 401 -4.97 4.81 12.83
N ASP A 402 -6.25 4.56 12.57
CA ASP A 402 -6.68 3.90 11.34
C ASP A 402 -6.91 4.96 10.27
N PRO A 403 -6.13 4.96 9.19
CA PRO A 403 -6.33 6.00 8.16
C PRO A 403 -7.69 5.93 7.49
N ASP A 404 -8.31 4.75 7.42
CA ASP A 404 -9.57 4.64 6.71
C ASP A 404 -10.71 5.21 7.54
N PRO A 405 -11.73 5.78 6.89
CA PRO A 405 -12.86 6.35 7.62
C PRO A 405 -13.90 5.28 7.91
N LEU A 406 -14.91 5.69 8.68
CA LEU A 406 -16.09 4.85 8.84
C LEU A 406 -16.82 4.71 7.51
N ILE A 407 -17.46 3.56 7.33
CA ILE A 407 -18.28 3.33 6.16
C ILE A 407 -19.64 2.84 6.62
N PRO A 408 -20.63 3.73 6.78
CA PRO A 408 -21.98 3.28 7.14
C PRO A 408 -22.61 2.55 5.98
N CYS A 409 -23.02 1.32 6.22
CA CYS A 409 -23.70 0.52 5.19
C CYS A 409 -24.51 -0.53 5.95
N ASP A 410 -25.82 -0.30 6.04
CA ASP A 410 -26.67 -1.17 6.85
C ASP A 410 -26.71 -2.59 6.29
N LEU A 411 -26.61 -2.74 4.97
CA LEU A 411 -26.64 -4.07 4.37
C LEU A 411 -25.50 -4.94 4.88
N MET A 412 -24.39 -4.33 5.28
CA MET A 412 -23.21 -5.09 5.67
C MET A 412 -22.84 -4.87 7.14
N ASP A 413 -23.78 -4.40 7.95
CA ASP A 413 -23.61 -4.32 9.40
C ASP A 413 -23.97 -5.68 9.98
N GLY A 414 -22.95 -6.52 10.14
CA GLY A 414 -23.19 -7.90 10.47
C GLY A 414 -23.60 -8.68 9.25
N ARG A 415 -23.72 -9.99 9.43
CA ARG A 415 -23.99 -10.90 8.33
C ARG A 415 -25.47 -11.03 7.98
N ASP A 416 -26.36 -10.57 8.86
CA ASP A 416 -27.77 -10.95 8.75
C ASP A 416 -28.47 -10.22 7.60
N ALA A 417 -28.17 -8.93 7.41
CA ALA A 417 -28.88 -8.15 6.40
C ALA A 417 -28.60 -8.65 4.99
N PHE A 418 -27.37 -9.11 4.73
CA PHE A 418 -27.04 -9.63 3.41
C PHE A 418 -27.71 -10.98 3.15
N LEU A 419 -27.77 -11.84 4.17
CA LEU A 419 -28.50 -13.09 4.01
C LEU A 419 -29.97 -12.82 3.75
N THR A 420 -30.53 -11.79 4.40
CA THR A 420 -31.93 -11.47 4.21
C THR A 420 -32.20 -10.90 2.82
N LEU A 421 -31.30 -10.05 2.32
CA LEU A 421 -31.47 -9.54 0.96
C LEU A 421 -31.47 -10.67 -0.06
N ALA A 422 -30.54 -11.62 0.09
CA ALA A 422 -30.51 -12.76 -0.82
C ALA A 422 -31.80 -13.57 -0.72
N ARG A 423 -32.29 -13.79 0.50
CA ARG A 423 -33.56 -14.49 0.66
C ARG A 423 -34.70 -13.72 0.01
N ASP A 424 -34.74 -12.41 0.20
CA ASP A 424 -35.86 -11.61 -0.31
C ASP A 424 -35.81 -11.46 -1.82
N LYS A 425 -34.63 -11.52 -2.44
CA LYS A 425 -34.51 -11.34 -3.88
C LYS A 425 -34.12 -12.62 -4.60
N HIS A 426 -34.25 -13.77 -3.95
CA HIS A 426 -34.03 -15.08 -4.55
C HIS A 426 -32.59 -15.27 -5.02
N LEU A 427 -31.63 -14.65 -4.34
CA LEU A 427 -30.23 -14.77 -4.72
C LEU A 427 -29.64 -16.05 -4.14
N GLU A 428 -28.93 -16.80 -4.98
CA GLU A 428 -28.21 -17.98 -4.56
C GLU A 428 -26.76 -17.87 -5.02
N PHE A 429 -25.86 -18.51 -4.27
CA PHE A 429 -24.48 -18.66 -4.66
C PHE A 429 -24.15 -20.12 -4.96
N SER A 430 -25.14 -20.85 -5.46
CA SER A 430 -25.11 -22.31 -5.57
C SER A 430 -24.51 -22.81 -6.88
N SER A 431 -24.27 -21.93 -7.84
CA SER A 431 -23.68 -22.27 -9.12
C SER A 431 -22.96 -21.03 -9.62
N LEU A 432 -22.08 -21.22 -10.61
CA LEU A 432 -21.33 -20.08 -11.13
C LEU A 432 -22.27 -19.03 -11.72
N ARG A 433 -23.24 -19.47 -12.54
CA ARG A 433 -24.15 -18.51 -13.15
C ARG A 433 -25.02 -17.81 -12.10
N ARG A 434 -25.48 -18.54 -11.10
CA ARG A 434 -26.30 -17.91 -10.07
C ARG A 434 -25.47 -17.03 -9.15
N ALA A 435 -24.24 -17.45 -8.85
CA ALA A 435 -23.38 -16.62 -8.01
C ALA A 435 -22.95 -15.34 -8.70
N GLN A 436 -22.76 -15.37 -10.02
CA GLN A 436 -22.46 -14.16 -10.75
C GLN A 436 -23.65 -13.20 -10.72
N TRP A 437 -24.87 -13.73 -10.88
CA TRP A 437 -26.07 -12.90 -10.78
C TRP A 437 -26.21 -12.30 -9.40
N SER A 438 -26.05 -13.12 -8.36
CA SER A 438 -26.14 -12.61 -7.00
C SER A 438 -25.06 -11.57 -6.72
N THR A 439 -23.86 -11.77 -7.27
CA THR A 439 -22.81 -10.77 -7.16
C THR A 439 -23.25 -9.45 -7.79
N MET A 440 -23.85 -9.52 -8.98
CA MET A 440 -24.31 -8.30 -9.66
C MET A 440 -25.36 -7.57 -8.83
N CYS A 441 -26.34 -8.31 -8.29
CA CYS A 441 -27.37 -7.70 -7.47
C CYS A 441 -26.80 -7.15 -6.16
N MET A 442 -25.87 -7.90 -5.55
CA MET A 442 -25.22 -7.40 -4.34
C MET A 442 -24.46 -6.11 -4.63
N LEU A 443 -23.76 -6.06 -5.76
CA LEU A 443 -23.03 -4.85 -6.13
C LEU A 443 -23.97 -3.67 -6.37
N VAL A 444 -25.10 -3.91 -7.05
CA VAL A 444 -26.07 -2.84 -7.25
C VAL A 444 -26.53 -2.30 -5.91
N GLU A 445 -26.88 -3.19 -4.99
CA GLU A 445 -27.38 -2.76 -3.69
C GLU A 445 -26.33 -1.94 -2.93
N LEU A 446 -25.06 -2.39 -2.95
CA LEU A 446 -24.02 -1.62 -2.27
C LEU A 446 -23.85 -0.25 -2.90
N HIS A 447 -24.05 -0.13 -4.21
CA HIS A 447 -23.90 1.16 -4.87
C HIS A 447 -25.09 2.07 -4.60
N THR A 448 -26.33 1.54 -4.60
CA THR A 448 -27.48 2.42 -4.37
C THR A 448 -27.59 2.81 -2.91
N GLN A 449 -27.31 1.89 -1.99
CA GLN A 449 -27.36 2.23 -0.57
C GLN A 449 -26.37 3.35 -0.24
N SER A 450 -25.18 3.31 -0.85
CA SER A 450 -24.18 4.34 -0.62
C SER A 450 -24.62 5.68 -1.21
N GLN A 451 -25.41 5.66 -2.28
CA GLN A 451 -25.90 6.91 -2.86
C GLN A 451 -26.75 7.68 -1.85
N ASP A 452 -27.56 6.97 -1.08
CA ASP A 452 -28.34 7.58 -0.01
C ASP A 452 -27.42 8.09 1.11
N TYR B 6 8.13 47.88 -13.70
CA TYR B 6 7.94 46.78 -14.64
C TYR B 6 6.80 45.84 -14.24
N CYS B 7 7.03 44.56 -14.54
CA CYS B 7 6.14 43.46 -14.21
C CYS B 7 5.68 43.52 -12.76
N CYS B 8 6.63 43.40 -11.85
CA CYS B 8 6.43 43.41 -10.42
C CYS B 8 7.12 44.60 -9.78
N GLY B 9 7.65 45.50 -10.61
CA GLY B 9 8.49 46.59 -10.15
C GLY B 9 9.93 46.23 -9.92
N ARG B 10 10.34 45.00 -10.24
CA ARG B 10 11.69 44.52 -9.95
C ARG B 10 12.50 44.43 -11.24
N LYS B 11 13.79 44.73 -11.13
CA LYS B 11 14.75 44.49 -12.21
C LYS B 11 15.43 43.17 -11.91
N LEU B 12 15.15 42.16 -12.72
CA LEU B 12 15.52 40.79 -12.42
C LEU B 12 16.55 40.29 -13.43
N GLU B 13 17.64 39.73 -12.92
CA GLU B 13 18.64 39.06 -13.72
C GLU B 13 18.95 37.72 -13.09
N PHE B 14 19.39 36.78 -13.93
CA PHE B 14 19.81 35.47 -13.43
C PHE B 14 21.18 35.58 -12.76
N SER B 15 21.41 34.71 -11.79
CA SER B 15 22.68 34.73 -11.07
C SER B 15 23.75 34.01 -11.88
N PRO B 16 24.99 34.50 -11.88
CA PRO B 16 26.08 33.76 -12.54
C PRO B 16 26.24 32.39 -11.89
N GLN B 17 26.46 31.38 -12.72
CA GLN B 17 26.47 30.00 -12.28
C GLN B 17 27.89 29.50 -12.07
N THR B 18 28.02 28.50 -11.21
CA THR B 18 29.29 27.83 -11.00
C THR B 18 29.68 27.05 -12.25
N LEU B 19 30.96 27.09 -12.61
CA LEU B 19 31.46 26.48 -13.82
C LEU B 19 32.52 25.43 -13.49
N CYS B 20 32.92 24.68 -14.52
CA CYS B 20 34.02 23.73 -14.38
C CYS B 20 35.36 24.43 -14.49
N CYS B 21 36.36 23.88 -13.82
CA CYS B 21 37.72 24.28 -14.11
C CYS B 21 38.41 23.37 -15.12
N TYR B 22 37.90 22.17 -15.33
CA TYR B 22 38.39 21.27 -16.38
C TYR B 22 39.82 20.83 -16.12
N GLY B 23 40.38 21.29 -15.01
CA GLY B 23 41.73 20.98 -14.57
C GLY B 23 41.65 19.86 -13.54
N LYS B 24 41.58 20.21 -12.26
CA LYS B 24 41.27 19.21 -11.23
C LYS B 24 39.88 18.64 -11.47
N GLN B 25 39.75 17.34 -11.16
CA GLN B 25 38.52 16.61 -11.49
C GLN B 25 37.29 17.21 -10.81
N LEU B 26 37.47 17.87 -9.67
CA LEU B 26 36.35 18.44 -8.93
C LEU B 26 36.51 19.95 -8.73
N CYS B 27 37.40 20.59 -9.47
CA CYS B 27 37.55 22.04 -9.36
C CYS B 27 36.45 22.76 -10.12
N THR B 28 35.89 23.80 -9.49
CA THR B 28 34.78 24.59 -10.00
C THR B 28 35.17 26.07 -10.03
N ILE B 29 34.40 26.86 -10.77
CA ILE B 29 34.62 28.29 -10.90
C ILE B 29 33.41 29.08 -10.37
N PRO B 30 33.54 29.76 -9.23
CA PRO B 30 32.39 30.44 -8.62
C PRO B 30 32.11 31.81 -9.24
N ARG B 31 31.13 32.52 -8.67
CA ARG B 31 30.74 33.83 -9.18
C ARG B 31 31.83 34.87 -8.93
N ASP B 32 31.92 35.82 -9.86
CA ASP B 32 32.86 36.95 -9.79
C ASP B 32 34.30 36.48 -9.63
N ALA B 33 34.63 35.33 -10.23
CA ALA B 33 35.98 34.77 -10.23
C ALA B 33 36.57 34.86 -11.64
N THR B 34 37.84 35.25 -11.71
CA THR B 34 38.53 35.40 -13.00
C THR B 34 38.89 34.04 -13.57
N TYR B 35 38.61 33.83 -14.86
CA TYR B 35 38.86 32.54 -15.49
C TYR B 35 39.35 32.74 -16.93
N TYR B 36 39.69 31.63 -17.58
CA TYR B 36 40.20 31.61 -18.96
C TYR B 36 39.36 30.64 -19.78
N SER B 37 38.92 31.07 -20.96
CA SER B 37 38.00 30.27 -21.76
C SER B 37 38.47 30.17 -23.20
N TYR B 38 38.20 29.02 -23.81
CA TYR B 38 38.46 28.79 -25.23
C TYR B 38 37.20 28.23 -25.87
N GLN B 39 36.70 28.94 -26.88
CA GLN B 39 35.47 28.56 -27.60
C GLN B 39 34.29 28.42 -26.65
N ASN B 40 34.34 29.15 -25.54
CA ASN B 40 33.29 29.16 -24.51
C ASN B 40 32.87 27.74 -24.12
N ARG B 41 33.82 26.82 -24.14
CA ARG B 41 33.61 25.43 -23.72
C ARG B 41 34.67 24.95 -22.74
N TYR B 42 35.93 25.37 -22.93
CA TYR B 42 37.05 24.95 -22.09
C TYR B 42 37.34 26.07 -21.09
N HIS B 43 36.69 26.00 -19.93
CA HIS B 43 36.84 27.01 -18.89
C HIS B 43 37.85 26.54 -17.86
N PHE B 44 38.80 27.41 -17.52
CA PHE B 44 39.91 27.10 -16.62
C PHE B 44 40.02 28.20 -15.56
N CYS B 45 40.11 27.81 -14.29
CA CYS B 45 40.34 28.82 -13.25
C CYS B 45 41.77 29.31 -13.29
N GLU B 46 41.97 30.55 -12.83
CA GLU B 46 43.28 31.19 -12.90
C GLU B 46 44.38 30.27 -12.35
N LYS B 47 44.12 29.67 -11.19
CA LYS B 47 45.13 28.83 -10.53
C LYS B 47 45.48 27.61 -11.37
N CYS B 48 44.48 26.83 -11.80
CA CYS B 48 44.78 25.64 -12.58
C CYS B 48 45.32 25.97 -13.97
N PHE B 49 45.20 27.24 -14.39
CA PHE B 49 45.80 27.70 -15.64
C PHE B 49 47.18 28.33 -15.42
N ASN B 50 47.43 28.86 -14.22
CA ASN B 50 48.73 29.44 -13.92
C ASN B 50 49.85 28.41 -13.99
N GLU B 51 49.51 27.13 -13.89
CA GLU B 51 50.49 26.06 -14.13
C GLU B 51 50.79 26.01 -15.62
N ILE B 52 51.75 26.82 -16.07
CA ILE B 52 52.00 27.02 -17.49
C ILE B 52 53.40 26.50 -17.81
N GLN B 53 53.45 25.37 -18.50
CA GLN B 53 54.70 24.85 -19.07
C GLN B 53 54.93 25.43 -20.47
N GLY B 54 54.83 26.76 -20.56
CA GLY B 54 54.73 27.42 -21.84
C GLY B 54 53.28 27.63 -22.24
N GLU B 55 53.08 28.18 -23.43
CA GLU B 55 51.73 28.40 -23.95
C GLU B 55 51.30 27.17 -24.76
N SER B 56 50.83 26.14 -24.03
CA SER B 56 50.37 24.91 -24.69
C SER B 56 49.45 24.13 -23.74
N VAL B 57 48.14 24.11 -24.03
CA VAL B 57 47.14 23.44 -23.20
C VAL B 57 46.49 22.33 -24.01
N SER B 58 46.45 21.12 -23.47
CA SER B 58 45.75 20.02 -24.13
C SER B 58 44.25 20.15 -23.91
N LEU B 59 43.48 19.74 -24.92
CA LEU B 59 42.03 19.95 -24.91
C LEU B 59 41.31 18.76 -25.54
N GLY B 60 40.20 18.37 -24.94
CA GLY B 60 39.38 17.29 -25.46
C GLY B 60 37.98 17.25 -24.87
N THR B 68 43.98 17.71 -28.84
CA THR B 68 44.36 18.96 -29.48
C THR B 68 45.20 19.81 -28.53
N THR B 69 46.16 20.54 -29.08
CA THR B 69 47.06 21.39 -28.28
C THR B 69 46.81 22.85 -28.66
N ILE B 70 46.11 23.57 -27.78
CA ILE B 70 45.75 24.96 -28.03
C ILE B 70 46.67 25.84 -27.19
N ASN B 71 47.42 26.72 -27.86
CA ASN B 71 48.30 27.64 -27.14
C ASN B 71 47.50 28.51 -26.20
N LYS B 72 48.05 28.75 -25.01
CA LYS B 72 47.34 29.53 -24.00
C LYS B 72 47.03 30.94 -24.47
N GLU B 73 47.76 31.44 -25.48
CA GLU B 73 47.54 32.78 -26.01
C GLU B 73 46.16 32.93 -26.65
N GLN B 74 45.55 31.83 -27.09
CA GLN B 74 44.25 31.87 -27.77
C GLN B 74 43.08 31.88 -26.79
N PHE B 75 43.34 31.76 -25.49
CA PHE B 75 42.29 31.80 -24.47
C PHE B 75 41.94 33.25 -24.14
N SER B 76 40.73 33.44 -23.63
CA SER B 76 40.23 34.76 -23.25
C SER B 76 40.13 34.86 -21.73
N LYS B 77 40.72 35.91 -21.16
CA LYS B 77 40.66 36.16 -19.73
C LYS B 77 39.39 36.93 -19.40
N ARG B 78 38.51 36.32 -18.61
CA ARG B 78 37.20 36.89 -18.31
C ARG B 78 36.88 36.67 -16.84
N LYS B 79 35.95 37.47 -16.33
CA LYS B 79 35.41 37.26 -15.00
C LYS B 79 34.02 36.62 -15.11
N ASN B 80 33.64 35.86 -14.07
CA ASN B 80 32.35 35.19 -14.05
C ASN B 80 31.27 36.11 -13.47
N ASP B 81 31.11 37.26 -14.13
CA ASP B 81 30.23 38.33 -13.65
C ASP B 81 29.15 38.69 -14.67
N THR B 82 28.79 37.78 -15.56
CA THR B 82 27.83 38.08 -16.60
C THR B 82 26.41 37.87 -16.07
N LEU B 83 25.59 38.92 -16.15
CA LEU B 83 24.22 38.88 -15.66
C LEU B 83 23.29 38.88 -16.86
N ASP B 84 22.62 37.74 -17.09
CA ASP B 84 21.61 37.66 -18.12
C ASP B 84 20.29 38.15 -17.55
N PRO B 85 19.67 39.18 -18.13
CA PRO B 85 18.36 39.61 -17.64
C PRO B 85 17.32 38.51 -17.82
N GLU B 86 16.29 38.54 -16.96
CA GLU B 86 15.16 37.66 -17.16
C GLU B 86 14.39 38.08 -18.41
N LEU B 87 13.69 37.12 -19.01
CA LEU B 87 12.96 37.37 -20.24
C LEU B 87 11.54 37.83 -19.94
N PHE B 88 11.01 38.66 -20.84
CA PHE B 88 9.63 39.12 -20.76
C PHE B 88 8.80 38.44 -21.83
N VAL B 89 7.52 38.23 -21.52
CA VAL B 89 6.52 37.85 -22.49
C VAL B 89 5.60 39.04 -22.70
N GLU B 90 4.94 39.06 -23.86
CA GLU B 90 4.07 40.17 -24.23
C GLU B 90 2.65 39.66 -24.41
N CYS B 91 1.69 40.32 -23.76
CA CYS B 91 0.30 39.97 -23.98
C CYS B 91 -0.07 40.28 -25.41
N THR B 92 -0.58 39.28 -26.12
CA THR B 92 -0.94 39.42 -27.52
C THR B 92 -2.25 40.16 -27.73
N GLU B 93 -2.83 40.70 -26.67
CA GLU B 93 -4.10 41.43 -26.74
C GLU B 93 -3.99 42.88 -26.30
N CYS B 94 -3.28 43.15 -25.20
CA CYS B 94 -3.10 44.50 -24.71
C CYS B 94 -1.66 44.98 -24.69
N GLY B 95 -0.69 44.09 -24.87
CA GLY B 95 0.70 44.47 -24.91
C GLY B 95 1.41 44.55 -23.57
N ARG B 96 0.74 44.18 -22.48
CA ARG B 96 1.37 44.19 -21.16
C ARG B 96 2.58 43.28 -21.13
N LYS B 97 3.77 43.85 -20.99
CA LYS B 97 5.00 43.07 -20.93
C LYS B 97 5.19 42.50 -19.53
N MET B 98 5.52 41.21 -19.44
CA MET B 98 5.58 40.54 -18.15
C MET B 98 6.75 39.57 -18.08
N HIS B 99 7.43 39.54 -16.93
CA HIS B 99 8.44 38.54 -16.68
C HIS B 99 7.87 37.16 -16.96
N GLN B 100 8.53 36.40 -17.83
CA GLN B 100 8.01 35.09 -18.20
C GLN B 100 7.88 34.18 -16.99
N ILE B 101 8.86 34.24 -16.09
CA ILE B 101 8.81 33.44 -14.87
C ILE B 101 7.68 33.91 -13.96
N CYS B 102 7.41 35.22 -13.93
CA CYS B 102 6.39 35.75 -13.04
C CYS B 102 5.00 35.23 -13.39
N VAL B 103 4.70 35.12 -14.70
CA VAL B 103 3.39 34.62 -15.13
C VAL B 103 3.43 33.17 -15.57
N LEU B 104 4.59 32.51 -15.48
CA LEU B 104 4.75 31.10 -15.85
C LEU B 104 4.09 30.79 -17.20
N HIS B 105 4.51 31.53 -18.23
CA HIS B 105 4.03 31.26 -19.58
C HIS B 105 5.03 30.34 -20.28
N HIS B 106 4.58 29.12 -20.58
CA HIS B 106 5.37 28.17 -21.35
C HIS B 106 4.76 28.04 -22.74
N GLU B 107 5.61 28.19 -23.76
CA GLU B 107 5.16 28.19 -25.14
C GLU B 107 4.56 26.83 -25.54
N ILE B 108 5.19 25.75 -25.09
CA ILE B 108 4.68 24.41 -25.41
C ILE B 108 3.30 24.21 -24.79
N ILE B 109 3.12 24.63 -23.53
CA ILE B 109 1.86 24.41 -22.84
C ILE B 109 0.74 25.21 -23.49
N TRP B 110 1.00 26.47 -23.83
CA TRP B 110 0.01 27.36 -24.43
C TRP B 110 0.61 27.91 -25.72
N PRO B 111 0.59 27.14 -26.80
CA PRO B 111 1.26 27.57 -28.04
C PRO B 111 0.57 28.74 -28.73
N ALA B 112 -0.70 28.99 -28.41
CA ALA B 112 -1.43 30.07 -29.07
C ALA B 112 -0.87 31.45 -28.75
N GLY B 113 -0.18 31.60 -27.62
CA GLY B 113 0.38 32.86 -27.21
C GLY B 113 -0.05 33.23 -25.80
N PHE B 114 0.61 34.26 -25.28
CA PHE B 114 0.40 34.70 -23.91
C PHE B 114 -0.74 35.71 -23.84
N VAL B 115 -1.67 35.48 -22.92
CA VAL B 115 -2.75 36.41 -22.61
C VAL B 115 -2.68 36.72 -21.11
N CYS B 116 -2.51 37.99 -20.78
CA CYS B 116 -2.31 38.38 -19.38
C CYS B 116 -3.57 38.16 -18.57
N ASP B 117 -3.40 38.15 -17.25
CA ASP B 117 -4.54 37.97 -16.35
C ASP B 117 -5.53 39.13 -16.43
N GLY B 118 -5.08 40.31 -16.86
CA GLY B 118 -6.01 41.40 -17.06
C GLY B 118 -7.01 41.11 -18.18
N CYS B 119 -6.51 40.67 -19.33
CA CYS B 119 -7.40 40.37 -20.45
C CYS B 119 -8.26 39.14 -20.18
N LEU B 120 -7.74 38.19 -19.40
CA LEU B 120 -8.54 37.03 -19.03
C LEU B 120 -9.75 37.43 -18.19
N LYS B 121 -9.52 38.20 -17.13
CA LYS B 121 -10.63 38.68 -16.31
C LYS B 121 -11.47 39.71 -17.05
N LYS B 122 -10.86 40.54 -17.91
CA LYS B 122 -11.62 41.52 -18.68
C LYS B 122 -12.56 40.83 -19.66
N SER B 123 -12.50 39.51 -19.73
CA SER B 123 -13.44 38.73 -20.54
C SER B 123 -13.93 37.49 -19.81
N ALA B 124 -13.81 37.46 -18.48
CA ALA B 124 -14.24 36.34 -17.63
C ALA B 124 -13.80 35.01 -18.22
N ARG B 125 -12.49 34.84 -18.32
CA ARG B 125 -11.87 33.67 -18.95
C ARG B 125 -10.75 33.14 -18.06
N THR B 126 -10.37 31.89 -18.31
CA THR B 126 -9.27 31.23 -17.62
C THR B 126 -8.32 30.64 -18.65
N ARG B 127 -7.04 30.53 -18.28
CA ARG B 127 -6.07 29.89 -19.17
C ARG B 127 -6.44 28.44 -19.40
N LYS B 128 -6.08 27.92 -20.56
CA LYS B 128 -6.33 26.50 -20.84
C LYS B 128 -5.61 25.64 -19.80
N GLU B 129 -6.19 24.47 -19.52
CA GLU B 129 -5.64 23.62 -18.47
C GLU B 129 -4.26 23.11 -18.85
N ASN B 130 -3.31 23.25 -17.93
CA ASN B 130 -1.98 22.69 -18.13
C ASN B 130 -2.04 21.17 -17.97
N LYS B 131 -1.94 20.47 -19.10
CA LYS B 131 -1.95 19.00 -19.09
C LYS B 131 -0.57 18.41 -18.80
N PHE B 132 0.47 19.24 -18.71
CA PHE B 132 1.81 18.78 -18.39
C PHE B 132 2.10 18.89 -16.89
N SER B 133 1.20 18.37 -16.06
CA SER B 133 1.34 18.55 -14.62
C SER B 133 2.11 17.38 -14.01
N ALA B 134 2.51 17.56 -12.74
CA ALA B 134 3.14 16.47 -12.01
C ALA B 134 2.15 15.33 -11.79
N LYS B 135 0.90 15.66 -11.50
CA LYS B 135 -0.13 14.65 -11.26
C LYS B 135 -0.32 13.74 -12.47
N ARG B 136 -0.14 14.28 -13.67
CA ARG B 136 -0.38 13.53 -14.90
C ARG B 136 0.86 12.80 -15.41
N LEU B 137 1.97 12.85 -14.70
CA LEU B 137 3.05 11.92 -14.98
C LEU B 137 2.59 10.49 -14.67
N PRO B 138 3.05 9.51 -15.45
CA PRO B 138 2.57 8.13 -15.27
C PRO B 138 2.79 7.61 -13.85
N SER B 139 1.76 6.97 -13.31
CA SER B 139 1.83 6.42 -11.97
C SER B 139 2.68 5.15 -11.94
N THR B 140 3.22 4.88 -10.75
CA THR B 140 3.91 3.63 -10.46
C THR B 140 3.44 3.13 -9.11
N ARG B 141 3.64 1.84 -8.86
CA ARG B 141 3.33 1.29 -7.55
C ARG B 141 4.17 1.97 -6.47
N LEU B 142 5.44 2.22 -6.76
CA LEU B 142 6.31 2.86 -5.78
C LEU B 142 5.88 4.30 -5.53
N GLY B 143 5.62 5.06 -6.59
CA GLY B 143 5.19 6.43 -6.42
C GLY B 143 3.88 6.52 -5.64
N THR B 144 2.93 5.66 -5.96
CA THR B 144 1.65 5.64 -5.26
C THR B 144 1.84 5.32 -3.78
N PHE B 145 2.65 4.31 -3.48
CA PHE B 145 2.95 3.96 -2.08
C PHE B 145 3.50 5.17 -1.33
N LEU B 146 4.46 5.88 -1.93
CA LEU B 146 5.09 6.99 -1.22
C LEU B 146 4.12 8.15 -1.02
N GLU B 147 3.39 8.54 -2.07
CA GLU B 147 2.52 9.70 -1.93
C GLU B 147 1.33 9.42 -1.03
N ASN B 148 0.83 8.17 -1.02
CA ASN B 148 -0.21 7.82 -0.05
C ASN B 148 0.30 7.99 1.37
N ARG B 149 1.53 7.54 1.64
CA ARG B 149 2.10 7.67 2.97
C ARG B 149 2.26 9.14 3.35
N VAL B 150 2.69 9.97 2.41
CA VAL B 150 2.86 11.39 2.70
C VAL B 150 1.52 12.06 2.94
N ASN B 151 0.57 11.85 2.02
CA ASN B 151 -0.72 12.53 2.12
C ASN B 151 -1.50 12.08 3.35
N ASP B 152 -1.41 10.80 3.71
CA ASP B 152 -2.02 10.33 4.95
C ASP B 152 -1.41 11.04 6.15
N PHE B 153 -0.08 11.19 6.15
CA PHE B 153 0.58 11.92 7.22
C PHE B 153 0.11 13.36 7.29
N LEU B 154 -0.05 14.01 6.14
CA LEU B 154 -0.48 15.41 6.13
C LEU B 154 -1.90 15.56 6.65
N ARG B 155 -2.78 14.60 6.34
CA ARG B 155 -4.14 14.64 6.86
C ARG B 155 -4.14 14.52 8.38
N ARG B 156 -3.24 13.71 8.93
CA ARG B 156 -3.13 13.60 10.38
C ARG B 156 -2.72 14.93 10.99
N GLN B 157 -1.82 15.67 10.35
CA GLN B 157 -1.40 16.96 10.88
C GLN B 157 -2.51 18.00 10.75
N ASN B 158 -3.31 17.92 9.70
CA ASN B 158 -4.43 18.83 9.48
C ASN B 158 -3.98 20.29 9.55
N HIS B 159 -3.00 20.62 8.68
CA HIS B 159 -2.47 21.98 8.62
C HIS B 159 -3.08 22.72 7.44
N PRO B 160 -3.64 23.92 7.65
CA PRO B 160 -4.31 24.63 6.55
C PRO B 160 -3.39 24.99 5.40
N GLU B 161 -2.08 25.03 5.61
CA GLU B 161 -1.16 25.48 4.58
C GLU B 161 -0.67 24.36 3.66
N SER B 162 -0.76 23.10 4.08
CA SER B 162 -0.21 22.02 3.27
C SER B 162 -1.06 21.77 2.03
N GLY B 163 -0.39 21.48 0.92
CA GLY B 163 -1.04 21.13 -0.32
C GLY B 163 -0.81 19.67 -0.69
N GLU B 164 -1.44 19.28 -1.80
CA GLU B 164 -1.37 17.89 -2.23
C GLU B 164 0.03 17.55 -2.72
N VAL B 165 0.59 16.45 -2.19
CA VAL B 165 1.91 15.99 -2.56
C VAL B 165 1.77 14.84 -3.55
N THR B 166 2.51 14.90 -4.65
CA THR B 166 2.58 13.81 -5.60
C THR B 166 4.02 13.31 -5.68
N VAL B 167 4.18 11.99 -5.76
CA VAL B 167 5.50 11.38 -5.90
C VAL B 167 5.50 10.59 -7.20
N ARG B 168 6.47 10.87 -8.06
CA ARG B 168 6.57 10.19 -9.34
C ARG B 168 7.97 9.63 -9.54
N VAL B 169 8.02 8.34 -9.86
CA VAL B 169 9.21 7.72 -10.43
C VAL B 169 9.27 8.11 -11.90
N VAL B 170 10.39 8.69 -12.33
CA VAL B 170 10.52 9.23 -13.67
C VAL B 170 11.61 8.56 -14.47
N HIS B 171 12.34 7.63 -13.88
CA HIS B 171 13.34 6.85 -14.60
C HIS B 171 13.52 5.53 -13.87
N ALA B 172 13.58 4.46 -14.66
CA ALA B 172 13.96 3.14 -14.16
C ALA B 172 14.65 2.42 -15.31
N SER B 173 15.89 1.98 -15.10
CA SER B 173 16.62 1.27 -16.13
C SER B 173 17.58 0.29 -15.48
N ASP B 174 17.96 -0.73 -16.25
CA ASP B 174 18.88 -1.76 -15.80
C ASP B 174 20.31 -1.38 -16.16
N LYS B 175 21.22 -1.54 -15.21
CA LYS B 175 22.60 -1.12 -15.38
C LYS B 175 23.53 -2.12 -14.71
N THR B 176 24.83 -1.88 -14.90
CA THR B 176 25.86 -2.76 -14.37
C THR B 176 26.98 -1.89 -13.81
N VAL B 177 27.44 -2.21 -12.61
CA VAL B 177 28.65 -1.59 -12.05
C VAL B 177 29.79 -2.59 -12.18
N GLU B 178 30.89 -2.15 -12.77
CA GLU B 178 32.03 -3.01 -13.05
C GLU B 178 33.11 -2.81 -12.00
N VAL B 179 33.66 -3.92 -11.50
CA VAL B 179 34.75 -3.83 -10.53
C VAL B 179 35.97 -3.20 -11.22
N LYS B 180 36.53 -2.18 -10.57
CA LYS B 180 37.58 -1.37 -11.16
C LYS B 180 38.88 -2.16 -11.29
N PRO B 181 39.82 -1.69 -12.13
CA PRO B 181 40.98 -2.54 -12.49
C PRO B 181 41.79 -3.04 -11.30
N GLY B 182 42.00 -2.21 -10.28
CA GLY B 182 42.81 -2.64 -9.15
C GLY B 182 42.17 -3.78 -8.39
N MET B 183 40.90 -3.63 -8.03
CA MET B 183 40.18 -4.72 -7.38
C MET B 183 39.92 -5.87 -8.34
N LYS B 184 39.78 -5.57 -9.64
CA LYS B 184 39.59 -6.62 -10.62
C LYS B 184 40.80 -7.55 -10.68
N ALA B 185 42.01 -6.97 -10.71
CA ALA B 185 43.21 -7.78 -10.76
C ALA B 185 43.39 -8.58 -9.47
N ARG B 186 43.05 -7.98 -8.32
CA ARG B 186 43.28 -8.66 -7.05
C ARG B 186 42.28 -9.77 -6.81
N PHE B 187 41.00 -9.54 -7.12
CA PHE B 187 39.93 -10.45 -6.72
C PHE B 187 39.14 -11.05 -7.88
N VAL B 188 38.98 -10.35 -8.99
CA VAL B 188 38.12 -10.86 -10.05
C VAL B 188 38.86 -11.86 -10.91
N ASP B 189 40.08 -11.55 -11.32
CA ASP B 189 40.85 -12.48 -12.14
C ASP B 189 41.16 -13.77 -11.39
N SER B 190 41.02 -13.77 -10.07
CA SER B 190 41.27 -14.95 -9.25
C SER B 190 40.01 -15.75 -8.96
N GLY B 191 38.85 -15.31 -9.45
CA GLY B 191 37.61 -16.01 -9.14
C GLY B 191 37.14 -15.85 -7.71
N GLU B 192 37.61 -14.83 -6.99
CA GLU B 192 37.18 -14.61 -5.62
C GLU B 192 35.99 -13.66 -5.52
N MET B 193 35.67 -12.92 -6.58
CA MET B 193 34.67 -11.89 -6.53
C MET B 193 34.10 -11.69 -7.93
N ALA B 194 32.81 -11.40 -8.01
CA ALA B 194 32.16 -11.21 -9.30
C ALA B 194 32.75 -10.01 -10.03
N GLU B 195 32.75 -10.10 -11.36
CA GLU B 195 33.34 -9.06 -12.19
C GLU B 195 32.48 -7.80 -12.25
N SER B 196 31.17 -7.95 -12.07
CA SER B 196 30.26 -6.82 -12.16
C SER B 196 28.97 -7.21 -11.45
N PHE B 197 28.18 -6.20 -11.12
CA PHE B 197 26.94 -6.40 -10.36
C PHE B 197 25.79 -5.72 -11.08
N PRO B 198 24.73 -6.43 -11.44
CA PRO B 198 23.60 -5.80 -12.09
C PRO B 198 22.71 -5.10 -11.08
N TYR B 199 22.17 -3.96 -11.47
CA TYR B 199 21.23 -3.24 -10.61
C TYR B 199 20.25 -2.48 -11.48
N ARG B 200 19.17 -2.04 -10.84
CA ARG B 200 18.22 -1.12 -11.43
C ARG B 200 18.39 0.23 -10.75
N THR B 201 18.51 1.28 -11.55
CA THR B 201 18.53 2.64 -11.02
C THR B 201 17.16 3.27 -11.18
N LYS B 202 16.74 4.03 -10.16
CA LYS B 202 15.48 4.75 -10.22
C LYS B 202 15.67 6.19 -9.77
N ALA B 203 14.96 7.09 -10.43
CA ALA B 203 14.90 8.49 -10.05
C ALA B 203 13.46 8.85 -9.75
N LEU B 204 13.22 9.45 -8.60
CA LEU B 204 11.87 9.87 -8.28
C LEU B 204 11.91 11.25 -7.62
N PHE B 205 10.79 11.94 -7.73
CA PHE B 205 10.67 13.31 -7.27
C PHE B 205 9.35 13.47 -6.54
N ALA B 206 9.35 14.36 -5.55
CA ALA B 206 8.16 14.77 -4.84
C ALA B 206 7.78 16.18 -5.26
N PHE B 207 6.49 16.39 -5.50
CA PHE B 207 5.95 17.68 -5.88
C PHE B 207 4.86 18.06 -4.89
N GLU B 208 4.76 19.35 -4.59
CA GLU B 208 3.65 19.88 -3.80
C GLU B 208 2.96 20.98 -4.59
N GLU B 209 1.64 20.90 -4.69
CA GLU B 209 0.86 21.91 -5.39
C GLU B 209 0.65 23.10 -4.47
N ILE B 210 1.20 24.26 -4.86
CA ILE B 210 1.10 25.47 -4.05
C ILE B 210 0.23 26.48 -4.78
N ASP B 211 -1.07 26.47 -4.46
CA ASP B 211 -2.06 27.37 -5.06
C ASP B 211 -2.11 27.18 -6.58
N GLY B 212 -2.41 25.95 -6.99
CA GLY B 212 -2.59 25.61 -8.39
C GLY B 212 -1.32 25.48 -9.20
N VAL B 213 -0.15 25.59 -8.58
CA VAL B 213 1.12 25.59 -9.30
C VAL B 213 2.03 24.52 -8.70
N ASP B 214 2.56 23.66 -9.57
CA ASP B 214 3.43 22.57 -9.13
C ASP B 214 4.78 23.12 -8.65
N LEU B 215 5.30 22.51 -7.58
CA LEU B 215 6.64 22.81 -7.09
C LEU B 215 7.36 21.51 -6.78
N CYS B 216 8.48 21.26 -7.44
CA CYS B 216 9.33 20.12 -7.13
C CYS B 216 10.23 20.49 -5.95
N PHE B 217 10.17 19.71 -4.87
CA PHE B 217 10.89 20.04 -3.66
C PHE B 217 11.80 18.93 -3.15
N PHE B 218 11.82 17.76 -3.80
CA PHE B 218 12.58 16.63 -3.31
C PHE B 218 12.94 15.76 -4.50
N GLY B 219 14.15 15.22 -4.48
CA GLY B 219 14.59 14.32 -5.53
C GLY B 219 15.51 13.26 -4.97
N MET B 220 15.51 12.09 -5.61
CA MET B 220 16.25 10.95 -5.11
C MET B 220 16.59 10.02 -6.26
N HIS B 221 17.83 9.52 -6.27
CA HIS B 221 18.26 8.45 -7.15
C HIS B 221 18.67 7.26 -6.30
N VAL B 222 18.25 6.06 -6.71
CA VAL B 222 18.58 4.86 -5.95
C VAL B 222 19.14 3.81 -6.89
N GLN B 223 20.00 2.96 -6.33
CA GLN B 223 20.48 1.76 -7.00
C GLN B 223 19.98 0.55 -6.22
N GLU B 224 19.30 -0.36 -6.91
CA GLU B 224 18.66 -1.50 -6.28
C GLU B 224 19.24 -2.78 -6.87
N TYR B 225 19.92 -3.55 -6.03
CA TYR B 225 20.58 -4.79 -6.43
C TYR B 225 19.71 -5.96 -5.97
N GLY B 226 19.09 -6.65 -6.92
CA GLY B 226 18.06 -7.63 -6.64
C GLY B 226 18.59 -8.96 -6.16
N SER B 227 17.70 -9.96 -6.18
CA SER B 227 18.06 -11.29 -5.71
C SER B 227 18.87 -12.08 -6.72
N ASP B 228 18.87 -11.67 -7.99
CA ASP B 228 19.73 -12.27 -9.00
C ASP B 228 21.17 -11.73 -8.93
N CYS B 229 21.41 -10.67 -8.16
CA CYS B 229 22.73 -10.07 -8.05
C CYS B 229 23.65 -10.91 -7.15
N PRO B 230 24.90 -11.12 -7.56
CA PRO B 230 25.84 -11.91 -6.74
C PRO B 230 26.22 -11.20 -5.45
N PRO B 231 26.68 -11.93 -4.42
CA PRO B 231 27.26 -11.26 -3.27
C PRO B 231 28.50 -10.49 -3.68
N PRO B 232 28.86 -9.44 -2.93
CA PRO B 232 28.28 -8.97 -1.67
C PRO B 232 27.14 -7.96 -1.82
N ASN B 233 26.62 -7.79 -3.04
CA ASN B 233 25.63 -6.77 -3.33
C ASN B 233 24.20 -7.27 -3.28
N GLN B 234 23.99 -8.57 -3.08
CA GLN B 234 22.67 -9.16 -3.21
C GLN B 234 21.67 -8.53 -2.24
N ARG B 235 20.49 -8.17 -2.76
CA ARG B 235 19.36 -7.70 -1.96
C ARG B 235 19.68 -6.42 -1.20
N ARG B 236 20.37 -5.49 -1.85
CA ARG B 236 20.74 -4.22 -1.22
C ARG B 236 20.24 -3.05 -2.05
N VAL B 237 19.78 -2.01 -1.36
CA VAL B 237 19.46 -0.74 -1.99
C VAL B 237 20.48 0.28 -1.51
N TYR B 238 20.95 1.10 -2.44
CA TYR B 238 21.91 2.16 -2.17
C TYR B 238 21.31 3.47 -2.68
N ILE B 239 21.19 4.44 -1.78
CA ILE B 239 20.64 5.73 -2.15
C ILE B 239 21.78 6.56 -2.73
N SER B 240 21.75 6.76 -4.05
CA SER B 240 22.83 7.47 -4.73
C SER B 240 22.87 8.94 -4.31
N TYR B 241 21.74 9.62 -4.39
CA TYR B 241 21.69 11.06 -4.21
C TYR B 241 20.36 11.47 -3.61
N LEU B 242 20.42 12.39 -2.64
CA LEU B 242 19.24 13.04 -2.08
C LEU B 242 19.45 14.55 -2.14
N ASP B 243 18.40 15.27 -2.51
CA ASP B 243 18.45 16.72 -2.60
C ASP B 243 17.05 17.28 -2.40
N SER B 244 16.98 18.58 -2.12
CA SER B 244 15.70 19.21 -1.82
C SER B 244 15.80 20.72 -2.06
N VAL B 245 14.64 21.32 -2.30
CA VAL B 245 14.48 22.78 -2.35
C VAL B 245 13.48 23.15 -1.25
N HIS B 246 13.85 24.11 -0.40
CA HIS B 246 13.26 24.24 0.93
C HIS B 246 11.94 25.01 0.97
N PHE B 247 11.17 24.99 -0.12
CA PHE B 247 9.95 25.78 -0.19
C PHE B 247 8.68 24.97 0.12
N PHE B 248 8.79 23.76 0.66
CA PHE B 248 7.60 23.02 1.05
C PHE B 248 6.79 23.81 2.09
N ARG B 249 5.47 23.88 1.87
CA ARG B 249 4.56 24.58 2.77
C ARG B 249 3.72 23.59 3.55
N PRO B 250 3.63 23.71 4.89
CA PRO B 250 4.34 24.69 5.70
C PRO B 250 5.75 24.25 6.06
N LYS B 251 6.60 25.20 6.46
CA LYS B 251 7.98 24.87 6.82
C LYS B 251 8.05 23.91 8.00
N CYS B 252 7.10 23.99 8.93
CA CYS B 252 7.18 23.18 10.13
C CYS B 252 6.98 21.69 9.87
N LEU B 253 6.43 21.33 8.71
CA LEU B 253 6.25 19.93 8.35
C LEU B 253 7.30 19.45 7.35
N ARG B 254 8.29 20.29 7.01
CA ARG B 254 9.21 19.97 5.93
C ARG B 254 10.08 18.76 6.25
N THR B 255 10.69 18.74 7.44
CA THR B 255 11.53 17.62 7.81
C THR B 255 10.73 16.33 7.93
N ALA B 256 9.54 16.41 8.54
CA ALA B 256 8.71 15.23 8.69
C ALA B 256 8.33 14.64 7.34
N VAL B 257 8.04 15.48 6.35
CA VAL B 257 7.68 14.99 5.04
C VAL B 257 8.86 14.27 4.38
N TYR B 258 10.08 14.83 4.50
CA TYR B 258 11.26 14.13 3.99
C TYR B 258 11.40 12.76 4.65
N HIS B 259 11.20 12.69 5.96
CA HIS B 259 11.29 11.42 6.66
C HIS B 259 10.23 10.45 6.18
N GLU B 260 9.00 10.94 5.94
CA GLU B 260 7.94 10.07 5.47
C GLU B 260 8.31 9.41 4.15
N ILE B 261 8.87 10.19 3.22
CA ILE B 261 9.29 9.66 1.93
C ILE B 261 10.40 8.64 2.11
N LEU B 262 11.38 8.96 2.96
CA LEU B 262 12.52 8.07 3.14
C LEU B 262 12.12 6.79 3.87
N ILE B 263 11.36 6.92 4.96
CA ILE B 263 10.90 5.73 5.66
C ILE B 263 10.01 4.90 4.76
N GLY B 264 9.15 5.58 3.97
CA GLY B 264 8.27 4.85 3.07
C GLY B 264 9.01 4.02 2.04
N TYR B 265 10.11 4.57 1.49
CA TYR B 265 10.89 3.82 0.51
C TYR B 265 11.55 2.60 1.14
N LEU B 266 12.10 2.75 2.35
CA LEU B 266 12.65 1.61 3.06
C LEU B 266 11.57 0.57 3.35
N GLU B 267 10.39 1.03 3.79
CA GLU B 267 9.27 0.12 3.98
C GLU B 267 8.93 -0.60 2.68
N TYR B 268 8.95 0.13 1.57
CA TYR B 268 8.57 -0.46 0.29
C TYR B 268 9.59 -1.50 -0.17
N VAL B 269 10.88 -1.16 -0.15
CA VAL B 269 11.88 -2.13 -0.61
C VAL B 269 11.97 -3.32 0.34
N LYS B 270 11.74 -3.08 1.64
CA LYS B 270 11.67 -4.21 2.57
C LYS B 270 10.53 -5.14 2.20
N LYS B 271 9.39 -4.57 1.79
CA LYS B 271 8.25 -5.39 1.37
C LYS B 271 8.61 -6.25 0.16
N LEU B 272 9.36 -5.69 -0.79
CA LEU B 272 9.78 -6.45 -1.97
C LEU B 272 10.79 -7.53 -1.65
N GLY B 273 11.46 -7.46 -0.50
CA GLY B 273 12.45 -8.44 -0.14
C GLY B 273 13.89 -7.96 -0.11
N TYR B 274 14.15 -6.66 -0.24
CA TYR B 274 15.51 -6.17 -0.02
C TYR B 274 15.81 -6.21 1.47
N THR B 275 17.02 -6.65 1.81
CA THR B 275 17.39 -6.86 3.21
C THR B 275 18.13 -5.69 3.83
N THR B 276 18.80 -4.87 3.04
CA THR B 276 19.70 -3.86 3.58
C THR B 276 19.64 -2.61 2.73
N GLY B 277 19.69 -1.46 3.39
CA GLY B 277 19.81 -0.18 2.73
C GLY B 277 21.11 0.49 3.12
N HIS B 278 21.63 1.31 2.22
CA HIS B 278 22.92 1.97 2.41
C HIS B 278 22.79 3.46 2.10
N ILE B 279 23.26 4.28 3.04
CA ILE B 279 23.23 5.73 2.89
C ILE B 279 24.63 6.27 3.16
N TRP B 280 25.14 7.07 2.23
CA TRP B 280 26.39 7.80 2.37
C TRP B 280 26.02 9.22 2.78
N ALA B 281 26.23 9.57 4.06
CA ALA B 281 25.78 10.84 4.61
C ALA B 281 26.86 11.89 4.40
N CYS B 282 26.73 12.64 3.31
CA CYS B 282 27.80 13.55 2.93
C CYS B 282 27.23 14.86 2.40
N PRO B 283 27.45 15.98 3.09
CA PRO B 283 26.99 17.26 2.56
C PRO B 283 27.79 17.67 1.35
N PRO B 284 27.18 18.34 0.37
CA PRO B 284 27.94 18.85 -0.76
C PRO B 284 28.77 20.06 -0.36
N SER B 285 29.81 20.31 -1.15
CA SER B 285 30.54 21.56 -1.02
C SER B 285 29.72 22.69 -1.63
N GLU B 286 30.09 23.92 -1.29
CA GLU B 286 29.39 25.08 -1.82
C GLU B 286 29.43 25.09 -3.33
N GLY B 287 28.28 25.33 -3.96
CA GLY B 287 28.17 25.33 -5.40
C GLY B 287 27.97 23.98 -6.03
N ASP B 288 28.15 22.90 -5.27
CA ASP B 288 27.95 21.55 -5.78
C ASP B 288 26.48 21.18 -5.55
N ASP B 289 25.71 21.12 -6.63
CA ASP B 289 24.31 20.76 -6.58
C ASP B 289 24.19 19.28 -6.90
N TYR B 290 23.61 18.51 -5.98
CA TYR B 290 23.43 17.09 -6.22
C TYR B 290 22.41 16.85 -7.34
N ILE B 291 21.19 17.39 -7.19
CA ILE B 291 20.10 17.15 -8.11
C ILE B 291 19.55 18.45 -8.68
N PHE B 292 19.30 19.44 -7.82
CA PHE B 292 18.65 20.68 -8.21
C PHE B 292 19.68 21.77 -8.44
N HIS B 293 19.66 22.35 -9.63
CA HIS B 293 20.63 23.38 -10.01
C HIS B 293 20.26 24.71 -9.38
N CYS B 294 21.28 25.40 -8.82
CA CYS B 294 21.10 26.73 -8.26
C CYS B 294 20.12 26.76 -7.08
N HIS B 295 20.58 26.26 -5.93
CA HIS B 295 19.81 26.29 -4.68
C HIS B 295 19.60 27.72 -4.18
N PRO B 296 18.58 27.94 -3.34
CA PRO B 296 18.39 29.26 -2.74
C PRO B 296 19.58 29.65 -1.89
N PRO B 297 20.01 30.92 -1.97
CA PRO B 297 21.18 31.34 -1.18
C PRO B 297 21.00 31.17 0.32
N ASP B 298 19.77 31.23 0.84
CA ASP B 298 19.55 31.06 2.27
C ASP B 298 19.07 29.66 2.64
N GLN B 299 19.16 28.70 1.72
CA GLN B 299 19.07 27.29 2.09
C GLN B 299 20.50 26.85 2.43
N LYS B 300 20.75 26.63 3.71
CA LYS B 300 22.10 26.33 4.15
C LYS B 300 22.42 24.86 3.96
N ILE B 301 23.65 24.57 3.57
CA ILE B 301 24.14 23.20 3.51
C ILE B 301 24.41 22.72 4.94
N PRO B 302 23.82 21.61 5.38
CA PRO B 302 24.06 21.15 6.76
C PRO B 302 25.52 20.80 6.98
N LYS B 303 25.98 21.00 8.21
CA LYS B 303 27.29 20.53 8.61
C LYS B 303 27.26 19.00 8.74
N PRO B 304 28.42 18.34 8.61
CA PRO B 304 28.40 16.87 8.64
C PRO B 304 27.70 16.28 9.85
N LYS B 305 27.99 16.80 11.06
CA LYS B 305 27.36 16.28 12.26
C LYS B 305 25.85 16.49 12.23
N ARG B 306 25.40 17.65 11.74
CA ARG B 306 23.96 17.91 11.68
C ARG B 306 23.27 16.98 10.69
N LEU B 307 23.91 16.68 9.56
CA LEU B 307 23.32 15.77 8.59
C LEU B 307 23.28 14.34 9.13
N GLN B 308 24.31 13.93 9.86
CA GLN B 308 24.33 12.58 10.44
C GLN B 308 23.20 12.42 11.45
N GLU B 309 22.98 13.43 12.30
CA GLU B 309 21.88 13.35 13.25
C GLU B 309 20.54 13.37 12.56
N TRP B 310 20.44 14.05 11.42
CA TRP B 310 19.21 14.06 10.64
C TRP B 310 18.85 12.65 10.17
N PHE B 311 19.83 11.91 9.66
CA PHE B 311 19.56 10.54 9.23
C PHE B 311 19.30 9.63 10.42
N LYS B 312 20.01 9.83 11.53
CA LYS B 312 19.76 9.04 12.73
C LYS B 312 18.32 9.23 13.21
N LYS B 313 17.84 10.48 13.21
CA LYS B 313 16.46 10.74 13.63
C LYS B 313 15.46 10.07 12.70
N MET B 314 15.71 10.14 11.38
CA MET B 314 14.85 9.45 10.43
C MET B 314 14.85 7.95 10.68
N LEU B 315 16.04 7.37 10.91
CA LEU B 315 16.13 5.93 11.10
C LEU B 315 15.51 5.49 12.44
N ASP B 316 15.62 6.32 13.47
CA ASP B 316 14.98 6.00 14.75
C ASP B 316 13.47 5.92 14.60
N LYS B 317 12.88 6.85 13.84
CA LYS B 317 11.45 6.78 13.56
C LYS B 317 11.12 5.50 12.81
N ALA B 318 11.98 5.10 11.86
CA ALA B 318 11.74 3.87 11.12
C ALA B 318 11.84 2.65 12.04
N VAL B 319 12.75 2.69 13.01
CA VAL B 319 12.86 1.59 13.97
C VAL B 319 11.62 1.52 14.85
N SER B 320 11.20 2.66 15.40
CA SER B 320 10.04 2.66 16.29
C SER B 320 8.77 2.29 15.54
N GLU B 321 8.72 2.53 14.23
CA GLU B 321 7.62 2.09 13.39
C GLU B 321 7.72 0.63 13.00
N ARG B 322 8.76 -0.08 13.48
CA ARG B 322 8.98 -1.49 13.20
C ARG B 322 9.14 -1.76 11.70
N ILE B 323 9.71 -0.79 10.98
CA ILE B 323 10.07 -0.98 9.58
C ILE B 323 11.53 -1.38 9.51
N VAL B 324 12.40 -0.54 10.06
CA VAL B 324 13.83 -0.83 10.14
C VAL B 324 14.09 -1.64 11.40
N HIS B 325 14.87 -2.71 11.25
CA HIS B 325 15.22 -3.54 12.41
C HIS B 325 16.24 -2.83 13.30
N ASP B 326 17.36 -2.42 12.72
CA ASP B 326 18.37 -1.61 13.41
C ASP B 326 19.29 -1.06 12.33
N TYR B 327 20.26 -0.24 12.76
CA TYR B 327 21.22 0.31 11.82
C TYR B 327 22.53 0.57 12.57
N LYS B 328 23.63 0.55 11.82
CA LYS B 328 24.96 0.78 12.36
C LYS B 328 25.80 1.53 11.33
N ASP B 329 26.88 2.13 11.79
CA ASP B 329 27.89 2.62 10.86
C ASP B 329 28.63 1.44 10.24
N ILE B 330 29.34 1.73 9.15
CA ILE B 330 29.98 0.66 8.38
C ILE B 330 31.06 -0.05 9.21
N PHE B 331 31.75 0.69 10.09
CA PHE B 331 32.79 0.09 10.91
C PHE B 331 32.21 -0.92 11.89
N LYS B 332 31.16 -0.54 12.62
CA LYS B 332 30.51 -1.48 13.54
C LYS B 332 29.88 -2.64 12.78
N GLN B 333 29.36 -2.39 11.58
CA GLN B 333 28.74 -3.45 10.79
C GLN B 333 29.77 -4.48 10.34
N ALA B 334 30.92 -4.01 9.82
CA ALA B 334 31.96 -4.93 9.38
C ALA B 334 32.50 -5.75 10.55
N THR B 335 32.63 -5.13 11.72
CA THR B 335 33.08 -5.85 12.90
C THR B 335 32.11 -6.97 13.25
N GLU B 336 30.82 -6.67 13.27
CA GLU B 336 29.81 -7.67 13.60
C GLU B 336 29.79 -8.79 12.57
N ASP B 337 30.02 -8.47 11.31
CA ASP B 337 30.07 -9.47 10.25
C ASP B 337 31.39 -10.23 10.21
N ARG B 338 32.33 -9.91 11.10
CA ARG B 338 33.64 -10.56 11.15
C ARG B 338 34.33 -10.51 9.78
N LEU B 339 34.28 -9.32 9.19
CA LEU B 339 34.82 -9.09 7.85
C LEU B 339 36.35 -9.15 7.89
N THR B 340 36.95 -9.67 6.80
CA THR B 340 38.40 -9.73 6.71
C THR B 340 38.98 -9.21 5.40
N SER B 341 38.19 -9.06 4.34
CA SER B 341 38.73 -8.70 3.03
C SER B 341 37.86 -7.64 2.38
N ALA B 342 38.49 -6.78 1.58
CA ALA B 342 37.78 -5.74 0.86
C ALA B 342 36.74 -6.31 -0.10
N LYS B 343 36.90 -7.57 -0.51
CA LYS B 343 35.94 -8.17 -1.43
C LYS B 343 34.57 -8.37 -0.80
N GLU B 344 34.47 -8.31 0.52
CA GLU B 344 33.20 -8.47 1.21
C GLU B 344 32.43 -7.17 1.37
N LEU B 345 33.02 -6.04 1.00
CA LEU B 345 32.29 -4.77 1.08
C LEU B 345 31.35 -4.63 -0.10
N PRO B 346 30.11 -4.21 0.11
CA PRO B 346 29.22 -3.92 -1.02
C PRO B 346 29.84 -2.87 -1.94
N TYR B 347 29.69 -3.11 -3.24
CA TYR B 347 30.41 -2.39 -4.30
C TYR B 347 29.39 -1.66 -5.16
N PHE B 348 29.21 -0.36 -4.92
CA PHE B 348 28.15 0.42 -5.54
C PHE B 348 28.71 1.42 -6.55
N GLU B 349 27.93 1.69 -7.59
CA GLU B 349 28.38 2.59 -8.65
C GLU B 349 28.55 4.01 -8.11
N GLY B 350 29.74 4.58 -8.32
CA GLY B 350 30.03 5.93 -7.91
C GLY B 350 30.18 6.13 -6.42
N ASP B 351 30.19 5.06 -5.64
CA ASP B 351 30.31 5.17 -4.19
C ASP B 351 31.76 5.41 -3.78
N PHE B 352 31.92 5.85 -2.54
CA PHE B 352 33.22 6.15 -1.96
C PHE B 352 34.14 4.93 -1.98
N TRP B 353 33.61 3.77 -1.62
CA TRP B 353 34.46 2.60 -1.36
C TRP B 353 35.19 2.04 -2.57
N PRO B 354 34.57 1.90 -3.75
CA PRO B 354 35.35 1.41 -4.90
C PRO B 354 36.61 2.23 -5.19
N ASN B 355 36.53 3.55 -5.10
CA ASN B 355 37.70 4.37 -5.33
C ASN B 355 38.76 4.17 -4.25
N VAL B 356 38.33 4.10 -3.00
CA VAL B 356 39.26 3.96 -1.89
C VAL B 356 39.97 2.62 -1.95
N LEU B 357 39.24 1.56 -2.28
CA LEU B 357 39.86 0.24 -2.42
C LEU B 357 40.93 0.23 -3.52
N GLU B 358 40.73 1.01 -4.58
CA GLU B 358 41.75 1.12 -5.62
C GLU B 358 43.05 1.68 -5.05
N GLU B 359 42.96 2.80 -4.33
CA GLU B 359 44.17 3.40 -3.77
C GLU B 359 44.77 2.53 -2.66
N SER B 360 43.91 1.84 -1.89
CA SER B 360 44.40 0.97 -0.83
C SER B 360 45.27 -0.16 -1.39
N ILE B 361 44.78 -0.82 -2.44
CA ILE B 361 45.57 -1.88 -3.07
C ILE B 361 46.88 -1.32 -3.61
N LYS B 362 46.82 -0.17 -4.27
CA LYS B 362 48.03 0.45 -4.82
C LYS B 362 49.01 0.82 -3.72
N GLU B 363 48.53 1.57 -2.71
CA GLU B 363 49.43 2.06 -1.67
C GLU B 363 50.06 0.92 -0.87
N SER B 364 49.35 -0.19 -0.68
CA SER B 364 49.86 -1.32 0.08
C SER B 364 50.68 -2.28 -0.75
N GLY B 365 50.92 -1.98 -2.03
CA GLY B 365 51.70 -2.88 -2.85
C GLY B 365 51.00 -4.16 -3.23
N GLY B 366 49.66 -4.20 -3.14
CA GLY B 366 48.92 -5.33 -3.67
C GLY B 366 48.04 -6.06 -2.68
N SER B 367 47.89 -5.52 -1.48
CA SER B 367 47.06 -6.16 -0.47
C SER B 367 45.63 -5.67 -0.56
N GLY B 368 44.68 -6.59 -0.38
CA GLY B 368 43.27 -6.27 -0.42
C GLY B 368 42.60 -6.16 0.93
N SER B 369 43.36 -6.10 2.03
CA SER B 369 42.76 -5.95 3.35
C SER B 369 43.57 -5.06 4.28
N GLN B 370 44.65 -4.44 3.80
CA GLN B 370 45.61 -3.78 4.68
C GLN B 370 44.97 -2.65 5.47
N LYS B 371 44.49 -1.62 4.77
CA LYS B 371 44.00 -0.41 5.41
C LYS B 371 42.51 -0.46 5.72
N LEU B 372 41.88 -1.62 5.57
CA LEU B 372 40.43 -1.69 5.48
C LEU B 372 39.74 -1.20 6.74
N TYR B 373 40.14 -1.72 7.91
CA TYR B 373 39.44 -1.36 9.13
C TYR B 373 39.74 0.07 9.55
N ALA B 374 41.00 0.52 9.38
CA ALA B 374 41.33 1.90 9.71
C ALA B 374 40.56 2.88 8.85
N THR B 375 40.44 2.59 7.56
CA THR B 375 39.67 3.45 6.67
C THR B 375 38.20 3.46 7.05
N MET B 376 37.64 2.30 7.42
CA MET B 376 36.24 2.25 7.80
C MET B 376 35.98 3.04 9.08
N GLU B 377 36.86 2.93 10.07
CA GLU B 377 36.65 3.67 11.32
C GLU B 377 36.80 5.17 11.10
N LYS B 378 37.77 5.57 10.27
CA LYS B 378 37.99 7.00 10.03
C LYS B 378 36.75 7.67 9.45
N HIS B 379 35.93 6.93 8.68
CA HIS B 379 34.77 7.49 7.99
C HIS B 379 33.45 6.93 8.50
N LYS B 380 33.45 6.27 9.67
CA LYS B 380 32.32 5.43 10.04
C LYS B 380 31.01 6.20 10.15
N GLU B 381 31.05 7.39 10.77
CA GLU B 381 29.82 8.13 11.03
C GLU B 381 29.10 8.55 9.76
N VAL B 382 29.78 8.48 8.62
CA VAL B 382 29.21 8.93 7.37
C VAL B 382 28.49 7.83 6.60
N PHE B 383 28.79 6.56 6.87
CA PHE B 383 28.22 5.45 6.12
C PHE B 383 27.27 4.65 7.00
N PHE B 384 25.98 4.73 6.68
CA PHE B 384 24.93 4.03 7.41
C PHE B 384 24.61 2.72 6.70
N VAL B 385 24.58 1.63 7.46
CA VAL B 385 24.10 0.32 7.00
C VAL B 385 22.80 0.05 7.73
N ILE B 386 21.71 -0.06 6.99
CA ILE B 386 20.36 -0.13 7.54
C ILE B 386 19.83 -1.53 7.32
N ARG B 387 19.58 -2.25 8.42
CA ARG B 387 19.10 -3.63 8.34
C ARG B 387 17.57 -3.61 8.33
N LEU B 388 16.98 -4.02 7.21
CA LEU B 388 15.54 -4.09 7.04
C LEU B 388 14.98 -5.46 7.42
N ILE B 389 15.61 -6.53 6.95
CA ILE B 389 15.21 -7.90 7.26
C ILE B 389 16.39 -8.57 7.95
N ALA B 390 16.19 -8.99 9.20
CA ALA B 390 17.26 -9.52 10.02
C ALA B 390 17.06 -11.00 10.33
N GLY B 391 18.09 -11.60 10.92
CA GLY B 391 18.03 -12.96 11.40
C GLY B 391 18.31 -14.00 10.34
N PRO B 392 18.02 -15.27 10.64
CA PRO B 392 18.10 -16.30 9.60
C PRO B 392 17.04 -16.15 8.54
N ALA B 393 16.09 -15.24 8.73
CA ALA B 393 15.15 -14.88 7.68
C ALA B 393 15.87 -14.64 6.37
N ALA B 394 16.76 -13.65 6.35
CA ALA B 394 17.41 -13.16 5.13
C ALA B 394 18.03 -14.26 4.28
N ASN B 395 18.17 -15.46 4.84
CA ASN B 395 18.72 -16.59 4.09
C ASN B 395 17.72 -17.11 3.06
N SER B 396 16.56 -17.56 3.50
CA SER B 396 15.59 -18.23 2.64
C SER B 396 14.43 -17.27 2.35
N LEU B 397 14.62 -16.44 1.34
CA LEU B 397 13.62 -15.49 0.87
C LEU B 397 13.22 -15.82 -0.57
N PRO B 398 11.97 -15.57 -0.95
CA PRO B 398 11.58 -15.74 -2.35
C PRO B 398 12.26 -14.71 -3.23
N PRO B 399 12.31 -14.93 -4.54
CA PRO B 399 12.94 -13.94 -5.43
C PRO B 399 12.25 -12.58 -5.34
N ILE B 400 13.02 -11.54 -5.65
CA ILE B 400 12.49 -10.19 -5.68
C ILE B 400 11.84 -9.96 -7.04
N VAL B 401 10.57 -9.56 -7.02
CA VAL B 401 9.83 -9.22 -8.24
C VAL B 401 9.38 -7.77 -8.11
N ASP B 402 9.80 -6.94 -9.07
CA ASP B 402 9.42 -5.54 -9.09
C ASP B 402 8.13 -5.38 -9.89
N PRO B 403 7.02 -4.98 -9.27
CA PRO B 403 5.78 -4.80 -10.04
C PRO B 403 5.83 -3.65 -11.03
N ASP B 404 6.82 -2.71 -10.91
CA ASP B 404 6.77 -1.57 -11.84
C ASP B 404 7.61 -1.86 -13.08
N PRO B 405 7.22 -1.30 -14.23
CA PRO B 405 7.97 -1.52 -15.45
C PRO B 405 9.19 -0.59 -15.53
N LEU B 406 10.05 -0.88 -16.50
CA LEU B 406 11.13 0.04 -16.82
C LEU B 406 10.56 1.33 -17.38
N ILE B 407 11.25 2.43 -17.12
CA ILE B 407 10.83 3.73 -17.63
C ILE B 407 12.05 4.38 -18.28
N PRO B 408 12.23 4.24 -19.60
CA PRO B 408 13.33 4.95 -20.25
C PRO B 408 13.10 6.45 -20.16
N CYS B 409 14.12 7.15 -19.67
CA CYS B 409 14.08 8.61 -19.62
C CYS B 409 15.54 9.06 -19.53
N ASP B 410 16.09 9.50 -20.67
CA ASP B 410 17.49 9.91 -20.70
C ASP B 410 17.73 11.13 -19.82
N LEU B 411 16.74 12.01 -19.69
CA LEU B 411 16.89 13.19 -18.86
C LEU B 411 17.17 12.83 -17.41
N MET B 412 16.69 11.68 -16.94
CA MET B 412 16.81 11.31 -15.54
C MET B 412 17.62 10.04 -15.34
N ASP B 413 18.50 9.72 -16.29
CA ASP B 413 19.40 8.58 -16.17
C ASP B 413 20.66 9.08 -15.47
N GLY B 414 20.66 8.98 -14.14
CA GLY B 414 21.66 9.67 -13.36
C GLY B 414 21.28 11.14 -13.23
N ARG B 415 22.07 11.85 -12.46
CA ARG B 415 21.76 13.24 -12.10
C ARG B 415 22.37 14.26 -13.06
N ASP B 416 23.25 13.84 -13.97
CA ASP B 416 24.00 14.80 -14.77
C ASP B 416 23.12 15.52 -15.78
N ALA B 417 22.23 14.80 -16.47
CA ALA B 417 21.51 15.40 -17.58
C ALA B 417 20.52 16.47 -17.11
N PHE B 418 19.92 16.30 -15.93
CA PHE B 418 18.97 17.30 -15.44
C PHE B 418 19.67 18.57 -15.02
N LEU B 419 20.85 18.46 -14.40
CA LEU B 419 21.66 19.64 -14.13
C LEU B 419 22.03 20.35 -15.42
N THR B 420 22.40 19.58 -16.45
CA THR B 420 22.77 20.16 -17.73
C THR B 420 21.60 20.89 -18.37
N LEU B 421 20.40 20.28 -18.33
CA LEU B 421 19.23 20.94 -18.90
C LEU B 421 18.92 22.24 -18.17
N ALA B 422 19.05 22.24 -16.84
CA ALA B 422 18.81 23.45 -16.07
C ALA B 422 19.83 24.54 -16.42
N ARG B 423 21.10 24.15 -16.53
CA ARG B 423 22.13 25.12 -16.93
C ARG B 423 21.88 25.64 -18.34
N ASP B 424 21.55 24.76 -19.27
CA ASP B 424 21.33 25.16 -20.66
C ASP B 424 20.10 26.04 -20.84
N LYS B 425 19.19 26.11 -19.86
CA LYS B 425 17.94 26.82 -20.04
C LYS B 425 17.67 27.84 -18.94
N HIS B 426 18.68 28.20 -18.16
CA HIS B 426 18.58 29.21 -17.11
C HIS B 426 17.53 28.85 -16.07
N LEU B 427 17.28 27.56 -15.89
CA LEU B 427 16.42 27.10 -14.81
C LEU B 427 17.20 27.16 -13.50
N GLU B 428 16.59 27.74 -12.48
CA GLU B 428 17.16 27.80 -11.15
C GLU B 428 16.12 27.33 -10.13
N PHE B 429 16.59 26.83 -9.01
CA PHE B 429 15.73 26.54 -7.87
C PHE B 429 16.04 27.45 -6.69
N SER B 430 16.47 28.68 -6.99
CA SER B 430 17.03 29.61 -6.01
C SER B 430 15.97 30.47 -5.32
N SER B 431 14.75 30.47 -5.81
CA SER B 431 13.66 31.21 -5.20
C SER B 431 12.37 30.49 -5.55
N LEU B 432 11.29 30.84 -4.85
CA LEU B 432 10.02 30.15 -5.07
C LEU B 432 9.54 30.34 -6.51
N ARG B 433 9.58 31.57 -7.01
CA ARG B 433 9.12 31.85 -8.37
C ARG B 433 9.97 31.13 -9.40
N ARG B 434 11.29 31.10 -9.19
CA ARG B 434 12.17 30.41 -10.13
C ARG B 434 12.01 28.90 -10.03
N ALA B 435 11.87 28.38 -8.80
CA ALA B 435 11.67 26.94 -8.64
C ALA B 435 10.35 26.51 -9.26
N GLN B 436 9.32 27.35 -9.19
CA GLN B 436 8.06 27.04 -9.83
C GLN B 436 8.19 27.04 -11.35
N TRP B 437 8.93 28.00 -11.91
CA TRP B 437 9.19 27.99 -13.34
C TRP B 437 10.01 26.78 -13.75
N SER B 438 11.09 26.50 -13.02
CA SER B 438 11.92 25.34 -13.34
C SER B 438 11.14 24.05 -13.25
N THR B 439 10.27 23.92 -12.25
CA THR B 439 9.42 22.73 -12.15
C THR B 439 8.52 22.60 -13.37
N MET B 440 7.91 23.71 -13.80
CA MET B 440 7.03 23.67 -14.97
C MET B 440 7.80 23.21 -16.21
N CYS B 441 9.00 23.76 -16.43
CA CYS B 441 9.80 23.34 -17.58
C CYS B 441 10.26 21.90 -17.43
N MET B 442 10.69 21.51 -16.23
CA MET B 442 11.08 20.12 -15.99
C MET B 442 9.94 19.18 -16.32
N LEU B 443 8.72 19.54 -15.92
CA LEU B 443 7.57 18.68 -16.20
C LEU B 443 7.28 18.59 -17.69
N VAL B 444 7.47 19.69 -18.43
CA VAL B 444 7.23 19.66 -19.87
C VAL B 444 8.19 18.69 -20.54
N GLU B 445 9.47 18.75 -20.17
CA GLU B 445 10.46 17.84 -20.74
C GLU B 445 10.14 16.39 -20.40
N LEU B 446 9.70 16.13 -19.18
CA LEU B 446 9.38 14.76 -18.79
C LEU B 446 8.17 14.23 -19.57
N HIS B 447 7.24 15.10 -19.92
CA HIS B 447 6.04 14.71 -20.68
C HIS B 447 6.29 14.58 -22.18
N THR B 448 7.40 15.09 -22.71
CA THR B 448 7.64 15.09 -24.15
C THR B 448 8.40 13.82 -24.54
N GLN B 449 7.79 13.02 -25.42
CA GLN B 449 8.37 11.77 -25.86
C GLN B 449 9.38 11.98 -26.99
#